data_4F3O
#
_entry.id   4F3O
#
_cell.length_a   93.830
_cell.length_b   109.330
_cell.length_c   150.110
_cell.angle_alpha   90.00
_cell.angle_beta   90.00
_cell.angle_gamma   90.00
#
_symmetry.space_group_name_H-M   'P 21 21 21'
#
loop_
_entity.id
_entity.type
_entity.pdbx_description
1 polymer 'DNA polymerase'
2 polymer "DNA (5'-D(*CP*CP*TP*GP*AP*CP*TP*CP*(2DT))-3')"
3 polymer "DNA (5'-D(*C*AP*TP*GP*AP*GP*AP*GP*TP*CP*AP*GP*G)-3')"
4 non-polymer 'SULFATE ION'
5 non-polymer (4S)-2-METHYL-2,4-PENTANEDIOL
6 non-polymer 'MANGANESE (II) ION'
7 non-polymer "2',3'-DIDEOXY-THYMIDINE-5'-TRIPHOSPHATE"
8 water water
#
loop_
_entity_poly.entity_id
_entity_poly.type
_entity_poly.pdbx_seq_one_letter_code
_entity_poly.pdbx_strand_id
1 'polypeptide(L)'
;MESPSSEEEKPLAKMAFTLADRVTEEMLADKAALVVEVVEENYHDAPIVGIAVVNEHGRFFLRPETALADPQFVAWLGDE
TKKKSMFDSKRAAVALKWKGIELCGVSFDLLLAAYLLDPAQGVDDVAAAAKMKQYEAVRPDEAVYGKGAKRAVPDEPVLA
EHLVRKAAAIWELERPFLDELRRNEQDRLLVELEQPLSSILAEMEFAGVKVDTKRLEQMGKELAEQLGTVEQRIYELAGQ
EFNINSPKQLGVILFEKLQLPVLKKTKTGYSTSADVLEKLAPYHEIVENILHYRQLGKLQSTYIEGLLKVVRPATKKVHT
IFNQALTQTGRLSSTEPNLQNIPIRLEEGRKIRQAFVPSESDWLIFAADYSQIELRVLAHIAEDDNLMEAFRRDLDIHTK
TAMDIFQVSEDEVTPNMRRQAKAVNYGIVYGISDYGLAQNLNISRKEAAEFIERYFESFPGVKRYMENIVQEAKQKGYVT
TLLHRRRYLPDITSRNFNVRSFAERMAMNTPIQGSAADIIKKAMIDLNARLKEERLQAHLLLQVHDELILEAPKEEMERL
CRLVPEVMEQAVTLRVPLKVDYHYGSTWYDAK
;
A,D
2 'polydeoxyribonucleotide' (DC)(DC)(DT)(DG)(DA)(DC)(DT)(DC)(2DT) B,E
3 'polydeoxyribonucleotide' (DC)(DA)(DT)(DG)(DA)(DG)(DA)(DG)(DT)(DC)(DA)(DG)(DG) C,F
#
loop_
_chem_comp.id
_chem_comp.type
_chem_comp.name
_chem_comp.formula
2DT DNA linking 3'-DEOXYTHYMIDINE-5'-MONOPHOSPHATE 'C10 H15 N2 O7 P'
D3T DNA OH 3 prime terminus 2',3'-DIDEOXY-THYMIDINE-5'-TRIPHOSPHATE 'C10 H17 N2 O13 P3'
DA DNA linking 2'-DEOXYADENOSINE-5'-MONOPHOSPHATE 'C10 H14 N5 O6 P'
DC DNA linking 2'-DEOXYCYTIDINE-5'-MONOPHOSPHATE 'C9 H14 N3 O7 P'
DG DNA linking 2'-DEOXYGUANOSINE-5'-MONOPHOSPHATE 'C10 H14 N5 O7 P'
DT DNA linking THYMIDINE-5'-MONOPHOSPHATE 'C10 H15 N2 O8 P'
MN non-polymer 'MANGANESE (II) ION' 'Mn 2'
MPD non-polymer (4S)-2-METHYL-2,4-PENTANEDIOL 'C6 H14 O2'
SO4 non-polymer 'SULFATE ION' 'O4 S -2'
#
# COMPACT_ATOMS: atom_id res chain seq x y z
N ALA A 13 16.06 -4.27 -23.97
CA ALA A 13 15.37 -4.74 -25.16
C ALA A 13 16.26 -5.70 -25.96
N LYS A 14 16.92 -6.61 -25.26
CA LYS A 14 17.81 -7.58 -25.89
C LYS A 14 17.50 -8.99 -25.39
N MET A 15 16.91 -9.81 -26.26
CA MET A 15 16.46 -11.15 -25.85
C MET A 15 16.48 -12.18 -26.96
N ALA A 16 17.28 -13.23 -26.76
CA ALA A 16 17.44 -14.29 -27.74
C ALA A 16 16.43 -15.43 -27.54
N PHE A 17 16.02 -16.04 -28.65
CA PHE A 17 15.12 -17.19 -28.59
C PHE A 17 15.22 -17.98 -29.88
N THR A 18 14.77 -19.23 -29.82
CA THR A 18 14.74 -20.09 -30.98
C THR A 18 13.38 -20.02 -31.63
N LEU A 19 13.33 -19.63 -32.90
CA LEU A 19 12.11 -19.76 -33.67
C LEU A 19 12.12 -21.16 -34.23
N ALA A 20 11.44 -22.07 -33.53
CA ALA A 20 11.56 -23.50 -33.82
C ALA A 20 10.64 -23.96 -34.94
N ASP A 21 11.09 -24.97 -35.67
CA ASP A 21 10.31 -25.54 -36.76
C ASP A 21 9.67 -26.86 -36.35
N ARG A 22 10.17 -27.44 -35.26
CA ARG A 22 9.60 -28.67 -34.73
C ARG A 22 9.78 -28.69 -33.22
N VAL A 23 8.97 -29.50 -32.54
CA VAL A 23 9.10 -29.67 -31.09
C VAL A 23 10.32 -30.49 -30.76
N THR A 24 11.08 -30.06 -29.76
CA THR A 24 12.21 -30.84 -29.27
C THR A 24 12.01 -31.20 -27.80
N GLU A 25 12.76 -32.19 -27.34
CA GLU A 25 12.61 -32.69 -25.98
C GLU A 25 12.84 -31.61 -24.93
N GLU A 26 13.79 -30.72 -25.17
CA GLU A 26 14.13 -29.70 -24.18
C GLU A 26 13.04 -28.64 -24.05
N MET A 27 12.07 -28.66 -24.95
CA MET A 27 10.93 -27.74 -24.83
C MET A 27 9.94 -28.29 -23.83
N LEU A 28 10.07 -29.57 -23.50
CA LEU A 28 9.06 -30.31 -22.77
C LEU A 28 9.50 -30.58 -21.34
N ALA A 29 10.20 -29.60 -20.76
CA ALA A 29 10.68 -29.69 -19.39
C ALA A 29 9.54 -29.71 -18.39
N ASP A 30 9.83 -30.13 -17.17
CA ASP A 30 8.79 -30.26 -16.16
C ASP A 30 8.45 -28.93 -15.49
N LYS A 31 9.11 -27.86 -15.90
CA LYS A 31 8.71 -26.51 -15.47
C LYS A 31 8.88 -25.49 -16.59
N ALA A 32 7.82 -24.76 -16.94
CA ALA A 32 7.91 -23.79 -18.02
C ALA A 32 6.95 -22.64 -17.89
N ALA A 33 7.34 -21.48 -18.42
CA ALA A 33 6.36 -20.44 -18.75
C ALA A 33 5.81 -20.72 -20.13
N LEU A 34 4.50 -20.65 -20.27
CA LEU A 34 3.83 -21.04 -21.50
C LEU A 34 2.87 -19.94 -21.95
N VAL A 35 2.94 -19.58 -23.22
CA VAL A 35 2.03 -18.63 -23.82
C VAL A 35 1.36 -19.33 -24.99
N VAL A 36 0.03 -19.41 -24.96
CA VAL A 36 -0.78 -19.96 -26.04
C VAL A 36 -1.65 -18.81 -26.48
N GLU A 37 -1.27 -18.12 -27.55
CA GLU A 37 -1.82 -16.78 -27.79
C GLU A 37 -3.11 -16.79 -28.56
N VAL A 38 -4.13 -16.19 -27.97
CA VAL A 38 -5.42 -15.99 -28.60
C VAL A 38 -5.71 -14.50 -28.58
N VAL A 39 -5.77 -13.91 -29.77
CA VAL A 39 -5.89 -12.47 -29.92
C VAL A 39 -7.33 -11.96 -29.88
N GLU A 40 -8.29 -12.76 -30.32
CA GLU A 40 -9.69 -12.32 -30.26
C GLU A 40 -10.16 -12.24 -28.80
N GLU A 41 -10.94 -11.21 -28.47
CA GLU A 41 -11.40 -11.02 -27.10
C GLU A 41 -12.23 -12.20 -26.59
N ASN A 42 -13.17 -12.65 -27.42
CA ASN A 42 -13.93 -13.86 -27.12
C ASN A 42 -13.15 -15.03 -27.66
N TYR A 43 -12.61 -15.83 -26.74
CA TYR A 43 -11.68 -16.91 -27.10
C TYR A 43 -12.38 -18.22 -27.48
N HIS A 44 -13.72 -18.24 -27.47
CA HIS A 44 -14.41 -19.48 -27.85
C HIS A 44 -14.24 -19.73 -29.34
N ASP A 45 -13.71 -20.92 -29.67
CA ASP A 45 -13.40 -21.34 -31.04
C ASP A 45 -12.57 -20.32 -31.81
N ALA A 46 -11.60 -19.71 -31.13
CA ALA A 46 -10.82 -18.63 -31.73
C ALA A 46 -9.45 -19.17 -32.08
N PRO A 47 -8.83 -18.59 -33.11
CA PRO A 47 -7.49 -19.04 -33.57
C PRO A 47 -6.42 -18.90 -32.53
N ILE A 48 -5.60 -19.94 -32.38
CA ILE A 48 -4.38 -19.82 -31.60
C ILE A 48 -3.33 -19.39 -32.61
N VAL A 49 -2.71 -18.25 -32.38
CA VAL A 49 -1.88 -17.66 -33.41
C VAL A 49 -0.38 -17.93 -33.21
N GLY A 50 0.00 -18.41 -32.04
CA GLY A 50 1.40 -18.63 -31.75
C GLY A 50 1.57 -19.19 -30.35
N ILE A 51 2.69 -19.84 -30.12
CA ILE A 51 3.00 -20.45 -28.83
C ILE A 51 4.40 -20.06 -28.44
N ALA A 52 4.63 -19.83 -27.15
CA ALA A 52 6.00 -19.63 -26.68
C ALA A 52 6.21 -20.44 -25.43
N VAL A 53 7.45 -20.92 -25.26
CA VAL A 53 7.83 -21.70 -24.10
C VAL A 53 9.15 -21.15 -23.61
N VAL A 54 9.21 -20.79 -22.34
CA VAL A 54 10.47 -20.43 -21.69
C VAL A 54 10.71 -21.37 -20.51
N ASN A 55 11.89 -21.96 -20.47
CA ASN A 55 12.22 -22.88 -19.39
C ASN A 55 13.74 -22.89 -19.13
N GLU A 56 14.20 -23.82 -18.30
CA GLU A 56 15.61 -23.91 -17.93
C GLU A 56 16.54 -23.96 -19.13
N HIS A 57 16.03 -24.48 -20.24
CA HIS A 57 16.86 -24.79 -21.39
C HIS A 57 16.88 -23.67 -22.44
N GLY A 58 15.92 -22.75 -22.36
CA GLY A 58 15.96 -21.61 -23.25
C GLY A 58 14.60 -21.04 -23.57
N ARG A 59 14.52 -20.28 -24.65
CA ARG A 59 13.28 -19.64 -25.06
C ARG A 59 12.93 -20.09 -26.47
N PHE A 60 11.66 -20.43 -26.70
CA PHE A 60 11.26 -21.03 -27.96
C PHE A 60 9.92 -20.51 -28.42
N PHE A 61 9.81 -20.27 -29.72
CA PHE A 61 8.54 -19.96 -30.35
C PHE A 61 8.15 -21.15 -31.23
N LEU A 62 6.90 -21.55 -31.16
CA LEU A 62 6.34 -22.61 -32.00
C LEU A 62 5.12 -22.15 -32.78
N ARG A 63 5.02 -22.62 -34.02
CA ARG A 63 3.81 -22.40 -34.81
C ARG A 63 2.77 -23.40 -34.35
N PRO A 64 1.54 -22.95 -34.13
CA PRO A 64 0.51 -23.85 -33.58
C PRO A 64 0.21 -25.03 -34.51
N GLU A 65 0.29 -24.82 -35.83
CA GLU A 65 0.09 -25.91 -36.78
C GLU A 65 1.00 -27.07 -36.42
N THR A 66 2.22 -26.74 -36.04
CA THR A 66 3.26 -27.70 -35.79
C THR A 66 3.05 -28.31 -34.41
N ALA A 67 3.08 -27.44 -33.42
CA ALA A 67 3.06 -27.84 -32.03
C ALA A 67 1.79 -28.62 -31.70
N LEU A 68 0.64 -28.13 -32.13
CA LEU A 68 -0.62 -28.70 -31.71
C LEU A 68 -0.97 -30.02 -32.41
N ALA A 69 -0.21 -30.37 -33.47
CA ALA A 69 -0.42 -31.64 -34.14
C ALA A 69 0.70 -32.64 -33.80
N ASP A 70 1.54 -32.25 -32.84
CA ASP A 70 2.66 -33.08 -32.41
C ASP A 70 2.24 -33.89 -31.19
N PRO A 71 2.30 -35.22 -31.27
CA PRO A 71 1.74 -36.00 -30.16
C PRO A 71 2.48 -35.79 -28.83
N GLN A 72 3.78 -35.53 -28.88
CA GLN A 72 4.56 -35.34 -27.66
C GLN A 72 4.21 -34.01 -27.03
N PHE A 73 4.05 -32.97 -27.85
CA PHE A 73 3.69 -31.66 -27.30
C PHE A 73 2.26 -31.70 -26.76
N VAL A 74 1.35 -32.36 -27.48
CA VAL A 74 -0.01 -32.49 -26.96
C VAL A 74 0.03 -33.29 -25.64
N ALA A 75 0.82 -34.37 -25.60
CA ALA A 75 0.95 -35.13 -24.38
C ALA A 75 1.45 -34.24 -23.23
N TRP A 76 2.46 -33.42 -23.52
CA TRP A 76 3.06 -32.53 -22.51
C TRP A 76 2.04 -31.52 -21.99
N LEU A 77 1.26 -30.95 -22.90
CA LEU A 77 0.23 -30.00 -22.48
C LEU A 77 -0.69 -30.64 -21.48
N GLY A 78 -1.02 -31.90 -21.71
CA GLY A 78 -2.00 -32.60 -20.90
C GLY A 78 -1.45 -33.29 -19.68
N ASP A 79 -0.13 -33.25 -19.50
CA ASP A 79 0.54 -33.93 -18.38
C ASP A 79 0.54 -33.00 -17.15
N GLU A 80 -0.25 -33.35 -16.14
CA GLU A 80 -0.36 -32.53 -14.93
C GLU A 80 0.97 -32.33 -14.20
N THR A 81 1.92 -33.24 -14.38
CA THR A 81 3.19 -33.17 -13.65
C THR A 81 4.19 -32.26 -14.34
N LYS A 82 3.85 -31.81 -15.54
CA LYS A 82 4.67 -30.82 -16.21
C LYS A 82 4.03 -29.48 -15.92
N LYS A 83 4.73 -28.64 -15.16
CA LYS A 83 4.10 -27.43 -14.61
C LYS A 83 4.27 -26.21 -15.49
N LYS A 84 3.17 -25.48 -15.69
CA LYS A 84 3.16 -24.32 -16.56
C LYS A 84 2.80 -23.05 -15.79
N SER A 85 3.61 -22.00 -15.96
CA SER A 85 3.26 -20.66 -15.50
C SER A 85 2.71 -19.89 -16.68
N MET A 86 1.55 -19.27 -16.50
CA MET A 86 0.87 -18.59 -17.60
C MET A 86 0.24 -17.26 -17.17
N PHE A 87 -0.29 -16.53 -18.14
CA PHE A 87 -1.15 -15.37 -17.88
C PHE A 87 -2.51 -15.62 -18.54
N ASP A 88 -3.58 -15.65 -17.74
CA ASP A 88 -4.95 -15.99 -18.22
C ASP A 88 -5.01 -17.42 -18.77
N SER A 89 -4.76 -18.38 -17.88
CA SER A 89 -4.67 -19.79 -18.28
C SER A 89 -6.06 -20.28 -18.73
N LYS A 90 -7.12 -19.67 -18.23
CA LYS A 90 -8.46 -20.10 -18.66
C LYS A 90 -8.69 -19.83 -20.15
N ARG A 91 -8.24 -18.66 -20.62
CA ARG A 91 -8.32 -18.30 -22.05
C ARG A 91 -7.62 -19.38 -22.87
N ALA A 92 -6.44 -19.77 -22.43
CA ALA A 92 -5.65 -20.78 -23.14
C ALA A 92 -6.32 -22.14 -23.07
N ALA A 93 -6.76 -22.52 -21.88
CA ALA A 93 -7.37 -23.83 -21.68
C ALA A 93 -8.63 -23.99 -22.54
N VAL A 94 -9.46 -22.96 -22.58
CA VAL A 94 -10.69 -23.05 -23.39
C VAL A 94 -10.35 -23.03 -24.87
N ALA A 95 -9.44 -22.17 -25.29
CA ALA A 95 -9.04 -22.14 -26.69
C ALA A 95 -8.49 -23.51 -27.12
N LEU A 96 -7.77 -24.16 -26.21
CA LEU A 96 -7.24 -25.48 -26.51
C LEU A 96 -8.35 -26.54 -26.52
N LYS A 97 -9.34 -26.40 -25.65
CA LYS A 97 -10.47 -27.35 -25.70
C LYS A 97 -11.15 -27.31 -27.09
N TRP A 98 -11.28 -26.12 -27.66
CA TRP A 98 -11.91 -25.98 -28.97
C TRP A 98 -11.05 -26.57 -30.08
N LYS A 99 -9.76 -26.74 -29.77
CA LYS A 99 -8.79 -27.42 -30.64
C LYS A 99 -8.70 -28.91 -30.35
N GLY A 100 -9.51 -29.39 -29.42
CA GLY A 100 -9.54 -30.81 -29.09
C GLY A 100 -8.39 -31.29 -28.21
N ILE A 101 -7.83 -30.34 -27.47
CA ILE A 101 -6.64 -30.58 -26.68
C ILE A 101 -6.86 -30.20 -25.22
N GLU A 102 -6.44 -31.07 -24.31
CA GLU A 102 -6.58 -30.80 -22.89
C GLU A 102 -5.30 -30.18 -22.34
N LEU A 103 -5.45 -29.13 -21.54
CA LEU A 103 -4.35 -28.47 -20.83
C LEU A 103 -4.41 -28.73 -19.33
N CYS A 104 -3.32 -29.25 -18.78
CA CYS A 104 -3.19 -29.56 -17.35
C CYS A 104 -1.89 -29.02 -16.77
N GLY A 105 -1.79 -29.01 -15.44
CA GLY A 105 -0.56 -28.65 -14.76
C GLY A 105 -0.26 -27.17 -14.72
N VAL A 106 -1.28 -26.32 -14.84
CA VAL A 106 -1.03 -24.90 -14.67
C VAL A 106 -0.82 -24.62 -13.18
N SER A 107 0.37 -24.15 -12.83
CA SER A 107 0.71 -23.97 -11.42
C SER A 107 0.76 -22.52 -10.98
N PHE A 108 0.77 -21.59 -11.95
CA PHE A 108 0.78 -20.16 -11.63
C PHE A 108 0.12 -19.37 -12.75
N ASP A 109 -0.76 -18.43 -12.37
CA ASP A 109 -1.46 -17.59 -13.32
C ASP A 109 -1.23 -16.13 -12.93
N LEU A 110 -0.42 -15.42 -13.71
CA LEU A 110 -0.05 -14.04 -13.39
C LEU A 110 -1.24 -13.08 -13.40
N LEU A 111 -2.24 -13.37 -14.22
CA LEU A 111 -3.43 -12.51 -14.25
C LEU A 111 -4.15 -12.53 -12.91
N LEU A 112 -4.31 -13.73 -12.35
CA LEU A 112 -5.02 -13.87 -11.09
C LEU A 112 -4.14 -13.38 -9.93
N ALA A 113 -2.83 -13.57 -10.05
CA ALA A 113 -1.93 -13.09 -9.01
C ALA A 113 -2.02 -11.56 -8.89
N ALA A 114 -1.99 -10.90 -10.04
CA ALA A 114 -2.09 -9.45 -10.13
C ALA A 114 -3.43 -8.97 -9.61
N TYR A 115 -4.48 -9.68 -9.98
CA TYR A 115 -5.83 -9.35 -9.53
C TYR A 115 -5.97 -9.38 -8.00
N LEU A 116 -5.46 -10.42 -7.37
CA LEU A 116 -5.52 -10.48 -5.92
C LEU A 116 -4.69 -9.37 -5.28
N LEU A 117 -3.52 -9.08 -5.84
CA LEU A 117 -2.68 -8.03 -5.24
C LEU A 117 -3.40 -6.67 -5.25
N ASP A 118 -4.04 -6.32 -6.37
CA ASP A 118 -4.80 -5.06 -6.42
C ASP A 118 -5.78 -5.04 -7.60
N PRO A 119 -7.06 -5.27 -7.32
CA PRO A 119 -8.05 -5.36 -8.40
C PRO A 119 -8.27 -4.03 -9.12
N ALA A 120 -7.90 -2.93 -8.49
CA ALA A 120 -8.14 -1.60 -9.05
C ALA A 120 -7.19 -1.29 -10.20
N GLN A 121 -6.09 -2.02 -10.30
CA GLN A 121 -5.17 -1.80 -11.40
C GLN A 121 -5.81 -2.20 -12.76
N GLY A 122 -6.85 -3.02 -12.73
CA GLY A 122 -7.52 -3.45 -13.94
C GLY A 122 -6.56 -4.09 -14.92
N VAL A 123 -5.56 -4.81 -14.38
CA VAL A 123 -4.62 -5.56 -15.19
C VAL A 123 -5.32 -6.53 -16.12
N ASP A 124 -5.05 -6.40 -17.42
CA ASP A 124 -5.57 -7.34 -18.39
C ASP A 124 -4.58 -7.65 -19.52
N ASP A 125 -3.30 -7.35 -19.32
CA ASP A 125 -2.27 -7.95 -20.14
C ASP A 125 -0.97 -8.10 -19.35
N VAL A 126 -0.04 -8.89 -19.88
CA VAL A 126 1.21 -9.17 -19.16
C VAL A 126 1.99 -7.89 -18.84
N ALA A 127 2.01 -6.95 -19.78
CA ALA A 127 2.74 -5.70 -19.60
C ALA A 127 2.22 -4.92 -18.39
N ALA A 128 0.91 -4.90 -18.22
CA ALA A 128 0.30 -4.20 -17.08
C ALA A 128 0.70 -4.86 -15.76
N ALA A 129 0.71 -6.19 -15.72
CA ALA A 129 1.17 -6.91 -14.55
C ALA A 129 2.66 -6.64 -14.29
N ALA A 130 3.47 -6.63 -15.36
CA ALA A 130 4.91 -6.41 -15.23
C ALA A 130 5.20 -5.03 -14.63
N LYS A 131 4.36 -4.05 -14.93
CA LYS A 131 4.50 -2.71 -14.39
C LYS A 131 4.46 -2.71 -12.86
N MET A 132 3.69 -3.63 -12.28
CA MET A 132 3.58 -3.72 -10.82
C MET A 132 4.94 -3.99 -10.17
N LYS A 133 5.86 -4.60 -10.92
CA LYS A 133 7.21 -4.88 -10.44
C LYS A 133 8.30 -4.18 -11.25
N GLN A 134 7.93 -3.11 -11.94
CA GLN A 134 8.89 -2.30 -12.69
C GLN A 134 9.67 -3.15 -13.69
N TYR A 135 8.97 -4.11 -14.30
CA TYR A 135 9.53 -4.91 -15.36
C TYR A 135 8.98 -4.35 -16.67
N GLU A 136 9.83 -3.95 -17.61
CA GLU A 136 9.29 -3.37 -18.83
C GLU A 136 9.89 -3.88 -20.14
N ALA A 137 10.60 -5.01 -20.06
CA ALA A 137 11.09 -5.67 -21.27
C ALA A 137 9.98 -6.48 -21.98
N VAL A 138 8.78 -5.92 -22.00
CA VAL A 138 7.64 -6.52 -22.69
C VAL A 138 6.63 -5.43 -23.05
N ARG A 139 6.13 -5.45 -24.28
CA ARG A 139 5.18 -4.45 -24.76
C ARG A 139 3.74 -4.84 -24.41
N PRO A 140 2.84 -3.85 -24.32
CA PRO A 140 1.41 -4.15 -24.18
C PRO A 140 0.87 -4.76 -25.45
N ASP A 141 -0.06 -5.72 -25.30
CA ASP A 141 -0.71 -6.35 -26.42
C ASP A 141 -1.25 -5.34 -27.44
N GLU A 142 -1.90 -4.29 -26.95
CA GLU A 142 -2.56 -3.33 -27.84
C GLU A 142 -1.53 -2.67 -28.76
N ALA A 143 -0.33 -2.44 -28.23
CA ALA A 143 0.75 -1.84 -29.00
C ALA A 143 1.19 -2.77 -30.14
N VAL A 144 1.08 -4.07 -29.90
CA VAL A 144 1.55 -5.07 -30.86
C VAL A 144 0.50 -5.40 -31.90
N TYR A 145 -0.75 -5.53 -31.46
CA TYR A 145 -1.81 -5.95 -32.36
C TYR A 145 -2.60 -4.76 -32.96
N GLY A 146 -2.60 -3.62 -32.27
CA GLY A 146 -3.39 -2.49 -32.74
C GLY A 146 -4.83 -2.58 -32.27
N LYS A 147 -5.63 -1.56 -32.59
CA LYS A 147 -6.98 -1.47 -32.08
C LYS A 147 -8.06 -1.46 -33.17
N GLY A 148 -9.25 -1.96 -32.82
CA GLY A 148 -10.40 -1.90 -33.70
C GLY A 148 -10.19 -2.50 -35.08
N ALA A 149 -10.55 -1.75 -36.11
CA ALA A 149 -10.49 -2.23 -37.46
C ALA A 149 -9.03 -2.45 -37.90
N LYS A 150 -8.09 -1.88 -37.14
CA LYS A 150 -6.67 -1.99 -37.46
C LYS A 150 -6.03 -3.21 -36.79
N ARG A 151 -6.82 -3.91 -35.97
CA ARG A 151 -6.34 -5.06 -35.20
C ARG A 151 -5.84 -6.18 -36.11
N ALA A 152 -4.60 -6.62 -35.90
CA ALA A 152 -3.99 -7.62 -36.77
C ALA A 152 -2.81 -8.31 -36.11
N VAL A 153 -2.61 -9.57 -36.48
CA VAL A 153 -1.41 -10.31 -36.07
C VAL A 153 -0.27 -9.81 -36.94
N PRO A 154 0.85 -9.42 -36.32
CA PRO A 154 2.02 -8.91 -37.07
C PRO A 154 2.84 -10.02 -37.73
N ASP A 155 3.85 -9.60 -38.50
CA ASP A 155 4.76 -10.52 -39.15
C ASP A 155 5.42 -11.48 -38.14
N GLU A 156 5.61 -12.73 -38.55
CA GLU A 156 6.03 -13.78 -37.61
C GLU A 156 7.16 -13.40 -36.64
N PRO A 157 8.23 -12.74 -37.13
CA PRO A 157 9.31 -12.43 -36.19
C PRO A 157 8.89 -11.45 -35.10
N VAL A 158 7.95 -10.56 -35.43
CA VAL A 158 7.45 -9.57 -34.49
C VAL A 158 6.54 -10.25 -33.48
N LEU A 159 5.64 -11.08 -33.98
CA LEU A 159 4.76 -11.87 -33.13
C LEU A 159 5.60 -12.76 -32.21
N ALA A 160 6.54 -13.49 -32.81
CA ALA A 160 7.39 -14.41 -32.06
C ALA A 160 8.11 -13.68 -30.92
N GLU A 161 8.72 -12.54 -31.21
CA GLU A 161 9.39 -11.78 -30.17
C GLU A 161 8.43 -11.41 -29.04
N HIS A 162 7.22 -11.01 -29.40
CA HIS A 162 6.26 -10.58 -28.39
C HIS A 162 5.85 -11.72 -27.48
N LEU A 163 5.55 -12.88 -28.06
CA LEU A 163 5.12 -14.02 -27.27
C LEU A 163 6.25 -14.50 -26.37
N VAL A 164 7.49 -14.49 -26.87
CA VAL A 164 8.62 -14.90 -26.06
C VAL A 164 8.83 -13.91 -24.93
N ARG A 165 8.74 -12.62 -25.23
CA ARG A 165 8.91 -11.62 -24.17
C ARG A 165 7.86 -11.76 -23.08
N LYS A 166 6.64 -12.14 -23.47
CA LYS A 166 5.57 -12.35 -22.50
C LYS A 166 5.85 -13.56 -21.63
N ALA A 167 6.32 -14.64 -22.25
CA ALA A 167 6.70 -15.84 -21.50
C ALA A 167 7.86 -15.55 -20.55
N ALA A 168 8.85 -14.80 -21.03
CA ALA A 168 10.01 -14.48 -20.22
C ALA A 168 9.60 -13.65 -19.00
N ALA A 169 8.64 -12.75 -19.20
CA ALA A 169 8.13 -11.90 -18.13
C ALA A 169 7.40 -12.73 -17.09
N ILE A 170 6.57 -13.67 -17.55
CA ILE A 170 5.91 -14.60 -16.64
C ILE A 170 6.96 -15.39 -15.85
N TRP A 171 8.03 -15.78 -16.53
CA TRP A 171 9.07 -16.62 -15.94
C TRP A 171 9.72 -15.88 -14.79
N GLU A 172 10.00 -14.61 -15.00
CA GLU A 172 10.77 -13.81 -14.05
C GLU A 172 9.90 -13.25 -12.93
N LEU A 173 8.61 -13.06 -13.23
CA LEU A 173 7.70 -12.40 -12.31
C LEU A 173 7.00 -13.34 -11.33
N GLU A 174 7.01 -14.63 -11.62
CA GLU A 174 6.34 -15.57 -10.72
C GLU A 174 6.81 -15.42 -9.27
N ARG A 175 8.12 -15.42 -9.06
CA ARG A 175 8.64 -15.37 -7.71
C ARG A 175 8.28 -14.05 -7.00
N PRO A 176 8.55 -12.90 -7.64
CA PRO A 176 8.16 -11.64 -6.99
C PRO A 176 6.68 -11.54 -6.68
N PHE A 177 5.83 -12.07 -7.56
CA PHE A 177 4.40 -12.04 -7.29
C PHE A 177 4.03 -13.00 -6.16
N LEU A 178 4.55 -14.21 -6.20
CA LEU A 178 4.27 -15.14 -5.11
C LEU A 178 4.74 -14.57 -3.77
N ASP A 179 5.90 -13.93 -3.75
CA ASP A 179 6.43 -13.41 -2.49
C ASP A 179 5.53 -12.32 -1.92
N GLU A 180 5.03 -11.43 -2.78
CA GLU A 180 4.15 -10.38 -2.28
C GLU A 180 2.81 -10.95 -1.81
N LEU A 181 2.27 -11.92 -2.55
CA LEU A 181 1.05 -12.60 -2.11
C LEU A 181 1.24 -13.25 -0.76
N ARG A 182 2.37 -13.91 -0.56
CA ARG A 182 2.62 -14.59 0.69
C ARG A 182 2.65 -13.55 1.80
N ARG A 183 3.27 -12.40 1.52
CA ARG A 183 3.38 -11.33 2.52
C ARG A 183 2.00 -10.82 2.91
N ASN A 184 1.07 -10.84 1.96
CA ASN A 184 -0.31 -10.43 2.22
C ASN A 184 -1.22 -11.54 2.78
N GLU A 185 -0.68 -12.73 2.96
CA GLU A 185 -1.47 -13.91 3.30
C GLU A 185 -2.52 -14.19 2.20
N GLN A 186 -2.06 -14.16 0.96
CA GLN A 186 -2.95 -14.36 -0.18
C GLN A 186 -2.45 -15.48 -1.09
N ASP A 187 -1.36 -16.15 -0.68
CA ASP A 187 -0.76 -17.19 -1.51
C ASP A 187 -1.72 -18.36 -1.71
N ARG A 188 -2.34 -18.81 -0.63
CA ARG A 188 -3.29 -19.92 -0.70
C ARG A 188 -4.54 -19.51 -1.45
N LEU A 189 -4.96 -18.26 -1.25
CA LEU A 189 -6.12 -17.71 -1.99
C LEU A 189 -5.89 -17.88 -3.49
N LEU A 190 -4.68 -17.60 -3.97
CA LEU A 190 -4.36 -17.87 -5.38
C LEU A 190 -4.28 -19.38 -5.71
N VAL A 191 -3.46 -20.11 -4.98
CA VAL A 191 -3.09 -21.47 -5.38
C VAL A 191 -4.18 -22.49 -5.06
N GLU A 192 -4.94 -22.24 -4.01
CA GLU A 192 -5.94 -23.18 -3.53
C GLU A 192 -7.37 -22.79 -3.90
N LEU A 193 -7.59 -21.53 -4.25
CA LEU A 193 -8.93 -21.06 -4.62
C LEU A 193 -9.05 -20.57 -6.08
N GLU A 194 -8.42 -19.45 -6.40
CA GLU A 194 -8.63 -18.88 -7.73
C GLU A 194 -8.09 -19.77 -8.85
N GLN A 195 -6.92 -20.36 -8.69
CA GLN A 195 -6.37 -21.15 -9.78
C GLN A 195 -7.18 -22.42 -10.04
N PRO A 196 -7.56 -23.15 -8.98
CA PRO A 196 -8.45 -24.30 -9.18
C PRO A 196 -9.82 -23.90 -9.77
N LEU A 197 -10.40 -22.80 -9.30
CA LEU A 197 -11.64 -22.31 -9.89
C LEU A 197 -11.48 -21.99 -11.38
N SER A 198 -10.35 -21.42 -11.78
CA SER A 198 -10.14 -21.08 -13.19
C SER A 198 -10.42 -22.30 -14.11
N SER A 199 -9.95 -23.48 -13.72
CA SER A 199 -10.08 -24.69 -14.55
C SER A 199 -11.53 -25.15 -14.58
N ILE A 200 -12.23 -24.90 -13.47
CA ILE A 200 -13.63 -25.24 -13.38
C ILE A 200 -14.49 -24.32 -14.25
N LEU A 201 -14.16 -23.04 -14.26
CA LEU A 201 -14.87 -22.08 -15.09
C LEU A 201 -14.63 -22.43 -16.55
N ALA A 202 -13.42 -22.86 -16.89
CA ALA A 202 -13.11 -23.25 -18.28
C ALA A 202 -14.00 -24.40 -18.72
N GLU A 203 -14.19 -25.38 -17.83
CA GLU A 203 -15.07 -26.50 -18.14
C GLU A 203 -16.50 -26.05 -18.35
N MET A 204 -16.98 -25.12 -17.53
CA MET A 204 -18.36 -24.63 -17.65
C MET A 204 -18.59 -23.86 -18.95
N GLU A 205 -17.63 -23.00 -19.26
CA GLU A 205 -17.73 -22.17 -20.45
C GLU A 205 -17.71 -23.03 -21.69
N PHE A 206 -16.81 -24.02 -21.72
CA PHE A 206 -16.72 -24.92 -22.88
C PHE A 206 -17.96 -25.79 -23.05
N ALA A 207 -18.52 -26.22 -21.91
CA ALA A 207 -19.76 -27.00 -21.95
C ALA A 207 -20.90 -26.20 -22.58
N GLY A 208 -21.07 -24.97 -22.13
CA GLY A 208 -22.12 -24.11 -22.64
C GLY A 208 -23.50 -24.55 -22.16
N VAL A 209 -24.51 -23.74 -22.49
CA VAL A 209 -25.90 -24.02 -22.12
C VAL A 209 -26.73 -24.12 -23.39
N LYS A 210 -27.49 -25.20 -23.52
CA LYS A 210 -28.32 -25.40 -24.71
C LYS A 210 -29.55 -24.50 -24.68
N VAL A 211 -29.92 -24.01 -25.86
CA VAL A 211 -31.05 -23.12 -26.02
C VAL A 211 -32.10 -23.73 -26.96
N ASP A 212 -33.35 -23.56 -26.58
CA ASP A 212 -34.47 -23.94 -27.41
C ASP A 212 -34.79 -22.78 -28.36
N THR A 213 -34.18 -22.79 -29.54
CA THR A 213 -34.33 -21.70 -30.50
C THR A 213 -35.72 -21.63 -31.11
N LYS A 214 -36.39 -22.76 -31.25
CA LYS A 214 -37.74 -22.71 -31.79
C LYS A 214 -38.61 -21.92 -30.81
N ARG A 215 -38.45 -22.21 -29.54
CA ARG A 215 -39.26 -21.55 -28.51
C ARG A 215 -38.93 -20.07 -28.45
N LEU A 216 -37.64 -19.77 -28.40
CA LEU A 216 -37.18 -18.40 -28.31
C LEU A 216 -37.65 -17.56 -29.50
N GLU A 217 -37.61 -18.16 -30.69
CA GLU A 217 -38.03 -17.46 -31.90
C GLU A 217 -39.54 -17.21 -31.89
N GLN A 218 -40.32 -18.16 -31.41
CA GLN A 218 -41.74 -17.96 -31.29
C GLN A 218 -42.04 -16.86 -30.26
N MET A 219 -41.33 -16.89 -29.13
CA MET A 219 -41.50 -15.82 -28.14
C MET A 219 -41.20 -14.48 -28.76
N GLY A 220 -40.18 -14.44 -29.61
CA GLY A 220 -39.81 -13.20 -30.26
C GLY A 220 -40.86 -12.67 -31.22
N LYS A 221 -41.50 -13.58 -31.95
CA LYS A 221 -42.52 -13.17 -32.89
C LYS A 221 -43.71 -12.57 -32.14
N GLU A 222 -44.11 -13.25 -31.07
CA GLU A 222 -45.25 -12.79 -30.27
C GLU A 222 -44.90 -11.48 -29.56
N LEU A 223 -43.68 -11.37 -29.06
CA LEU A 223 -43.26 -10.14 -28.42
C LEU A 223 -43.28 -8.93 -29.36
N ALA A 224 -42.87 -9.12 -30.62
CA ALA A 224 -42.89 -8.04 -31.59
C ALA A 224 -44.30 -7.50 -31.79
N GLU A 225 -45.28 -8.41 -31.82
CA GLU A 225 -46.68 -8.01 -31.98
C GLU A 225 -47.14 -7.17 -30.78
N GLN A 226 -46.84 -7.65 -29.60
CA GLN A 226 -47.20 -6.97 -28.37
C GLN A 226 -46.54 -5.59 -28.31
N LEU A 227 -45.26 -5.52 -28.64
CA LEU A 227 -44.58 -4.23 -28.65
C LEU A 227 -45.27 -3.22 -29.55
N GLY A 228 -45.64 -3.64 -30.76
CA GLY A 228 -46.33 -2.77 -31.69
C GLY A 228 -47.61 -2.21 -31.11
N THR A 229 -48.38 -3.08 -30.47
CA THR A 229 -49.63 -2.65 -29.85
C THR A 229 -49.41 -1.64 -28.73
N VAL A 230 -48.46 -1.92 -27.83
CA VAL A 230 -48.15 -1.00 -26.74
C VAL A 230 -47.63 0.31 -27.31
N GLU A 231 -46.82 0.21 -28.35
CA GLU A 231 -46.25 1.38 -29.01
C GLU A 231 -47.37 2.30 -29.51
N GLN A 232 -48.36 1.73 -30.22
CA GLN A 232 -49.42 2.55 -30.75
C GLN A 232 -50.25 3.22 -29.66
N ARG A 233 -50.42 2.50 -28.55
CA ARG A 233 -51.20 3.02 -27.43
C ARG A 233 -50.51 4.22 -26.81
N ILE A 234 -49.19 4.14 -26.72
CA ILE A 234 -48.37 5.25 -26.23
C ILE A 234 -48.52 6.45 -27.18
N TYR A 235 -48.45 6.23 -28.48
CA TYR A 235 -48.62 7.35 -29.41
C TYR A 235 -50.01 7.97 -29.28
N GLU A 236 -51.03 7.14 -29.06
CA GLU A 236 -52.39 7.65 -28.89
C GLU A 236 -52.47 8.52 -27.63
N LEU A 237 -51.94 8.00 -26.54
CA LEU A 237 -51.94 8.73 -25.29
C LEU A 237 -51.13 10.02 -25.41
N ALA A 238 -50.04 9.99 -26.17
CA ALA A 238 -49.17 11.16 -26.29
C ALA A 238 -49.67 12.19 -27.30
N GLY A 239 -50.50 11.75 -28.26
CA GLY A 239 -51.03 12.62 -29.28
C GLY A 239 -50.05 12.80 -30.44
N GLN A 240 -49.03 11.94 -30.47
CA GLN A 240 -47.92 12.12 -31.40
C GLN A 240 -47.08 10.85 -31.46
N GLU A 241 -46.46 10.60 -32.61
CA GLU A 241 -45.44 9.57 -32.72
C GLU A 241 -44.10 10.18 -32.32
N PHE A 242 -43.30 9.38 -31.60
CA PHE A 242 -41.96 9.77 -31.22
C PHE A 242 -41.19 8.48 -30.93
N ASN A 243 -39.89 8.60 -30.77
CA ASN A 243 -39.08 7.46 -30.40
C ASN A 243 -39.02 7.33 -28.88
N ILE A 244 -39.75 6.33 -28.39
CA ILE A 244 -39.85 6.07 -26.94
C ILE A 244 -38.49 5.69 -26.32
N ASN A 245 -37.56 5.20 -27.16
CA ASN A 245 -36.27 4.68 -26.71
C ASN A 245 -35.22 5.77 -26.69
N SER A 246 -35.66 6.99 -26.94
CA SER A 246 -34.81 8.16 -26.80
C SER A 246 -35.21 8.93 -25.53
N PRO A 247 -34.45 8.81 -24.43
CA PRO A 247 -34.86 9.62 -23.26
C PRO A 247 -35.02 11.10 -23.57
N LYS A 248 -34.28 11.60 -24.54
CA LYS A 248 -34.44 12.99 -24.96
C LYS A 248 -35.81 13.30 -25.58
N GLN A 249 -36.21 12.52 -26.58
CA GLN A 249 -37.49 12.78 -27.25
C GLN A 249 -38.62 12.54 -26.26
N LEU A 250 -38.44 11.52 -25.43
CA LEU A 250 -39.42 11.17 -24.40
C LEU A 250 -39.56 12.28 -23.39
N GLY A 251 -38.45 12.89 -23.00
CA GLY A 251 -38.51 13.98 -22.03
C GLY A 251 -39.29 15.17 -22.56
N VAL A 252 -39.14 15.44 -23.84
CA VAL A 252 -39.95 16.48 -24.46
C VAL A 252 -41.43 16.16 -24.36
N ILE A 253 -41.82 14.95 -24.72
CA ILE A 253 -43.23 14.56 -24.62
C ILE A 253 -43.73 14.74 -23.19
N LEU A 254 -43.00 14.21 -22.22
CA LEU A 254 -43.51 14.14 -20.85
C LEU A 254 -43.52 15.51 -20.18
N PHE A 255 -42.41 16.22 -20.33
CA PHE A 255 -42.17 17.38 -19.48
C PHE A 255 -42.42 18.70 -20.18
N GLU A 256 -42.52 18.67 -21.50
CA GLU A 256 -42.89 19.86 -22.25
C GLU A 256 -44.30 19.77 -22.85
N LYS A 257 -44.59 18.74 -23.63
CA LYS A 257 -45.91 18.63 -24.24
C LYS A 257 -46.98 18.33 -23.19
N LEU A 258 -46.76 17.29 -22.38
CA LEU A 258 -47.77 16.89 -21.40
C LEU A 258 -47.63 17.67 -20.08
N GLN A 259 -46.53 18.38 -19.91
CA GLN A 259 -46.36 19.31 -18.79
C GLN A 259 -46.33 18.62 -17.41
N LEU A 260 -45.80 17.39 -17.37
CA LEU A 260 -45.72 16.64 -16.12
C LEU A 260 -44.60 17.23 -15.25
N PRO A 261 -44.71 17.07 -13.92
CA PRO A 261 -43.66 17.60 -13.03
C PRO A 261 -42.26 17.02 -13.31
N VAL A 262 -41.23 17.86 -13.18
CA VAL A 262 -39.86 17.39 -13.32
C VAL A 262 -39.32 17.05 -11.94
N LEU A 263 -39.18 15.75 -11.67
CA LEU A 263 -38.75 15.29 -10.35
C LEU A 263 -37.24 15.22 -10.23
N LYS A 264 -36.57 15.16 -11.37
CA LYS A 264 -35.14 14.89 -11.39
C LYS A 264 -34.50 15.20 -12.74
N LYS A 265 -33.27 15.72 -12.71
CA LYS A 265 -32.57 16.06 -13.94
C LYS A 265 -31.20 15.39 -13.91
N THR A 266 -30.68 15.05 -15.07
CA THR A 266 -29.28 14.63 -15.14
C THR A 266 -28.48 15.62 -15.95
N LYS A 267 -27.21 15.31 -16.14
CA LYS A 267 -26.28 16.18 -16.83
C LYS A 267 -26.76 16.49 -18.24
N THR A 268 -27.43 15.53 -18.87
CA THR A 268 -27.88 15.74 -20.24
C THR A 268 -29.32 16.25 -20.38
N GLY A 269 -30.14 16.11 -19.34
CA GLY A 269 -31.50 16.62 -19.42
C GLY A 269 -32.47 16.08 -18.39
N TYR A 270 -33.75 15.97 -18.74
CA TYR A 270 -34.74 15.44 -17.82
C TYR A 270 -34.51 13.99 -17.60
N SER A 271 -34.61 13.52 -16.34
CA SER A 271 -34.59 12.10 -16.06
C SER A 271 -35.91 11.41 -16.45
N THR A 272 -35.81 10.26 -17.09
CA THR A 272 -36.97 9.38 -17.27
C THR A 272 -36.73 8.01 -16.66
N SER A 273 -35.97 7.96 -15.58
CA SER A 273 -35.65 6.71 -14.93
C SER A 273 -36.95 6.05 -14.47
N ALA A 274 -36.92 4.74 -14.28
CA ALA A 274 -38.11 4.00 -13.85
C ALA A 274 -38.64 4.50 -12.50
N ASP A 275 -37.76 4.88 -11.59
CA ASP A 275 -38.16 5.50 -10.32
C ASP A 275 -39.01 6.76 -10.53
N VAL A 276 -38.52 7.66 -11.38
CA VAL A 276 -39.24 8.87 -11.72
C VAL A 276 -40.59 8.61 -12.38
N LEU A 277 -40.61 7.81 -13.43
CA LEU A 277 -41.84 7.50 -14.14
C LEU A 277 -42.88 6.88 -13.20
N GLU A 278 -42.45 5.99 -12.32
CA GLU A 278 -43.39 5.36 -11.42
C GLU A 278 -44.06 6.41 -10.56
N LYS A 279 -43.29 7.41 -10.16
CA LYS A 279 -43.84 8.47 -9.29
C LYS A 279 -44.76 9.40 -10.06
N LEU A 280 -44.73 9.33 -11.38
CA LEU A 280 -45.55 10.21 -12.20
C LEU A 280 -46.90 9.57 -12.55
N ALA A 281 -47.11 8.31 -12.16
CA ALA A 281 -48.36 7.62 -12.47
C ALA A 281 -49.68 8.33 -11.99
N PRO A 282 -49.64 9.07 -10.87
CA PRO A 282 -50.86 9.83 -10.53
C PRO A 282 -51.21 10.96 -11.54
N TYR A 283 -50.32 11.28 -12.47
CA TYR A 283 -50.53 12.43 -13.35
C TYR A 283 -51.02 12.04 -14.74
N HIS A 284 -50.56 10.90 -15.26
CA HIS A 284 -50.91 10.52 -16.61
C HIS A 284 -50.71 9.03 -16.78
N GLU A 285 -51.64 8.37 -17.47
CA GLU A 285 -51.56 6.94 -17.75
C GLU A 285 -50.36 6.54 -18.58
N ILE A 286 -49.80 7.50 -19.30
CA ILE A 286 -48.85 7.17 -20.35
C ILE A 286 -47.55 6.65 -19.74
N VAL A 287 -47.25 7.04 -18.50
CA VAL A 287 -45.98 6.61 -17.94
C VAL A 287 -45.96 5.11 -17.64
N GLU A 288 -47.08 4.52 -17.21
CA GLU A 288 -47.07 3.09 -16.97
C GLU A 288 -46.88 2.35 -18.29
N ASN A 289 -47.51 2.84 -19.36
CA ASN A 289 -47.32 2.20 -20.65
C ASN A 289 -45.88 2.27 -21.15
N ILE A 290 -45.24 3.41 -20.96
CA ILE A 290 -43.83 3.56 -21.34
C ILE A 290 -42.93 2.63 -20.57
N LEU A 291 -43.17 2.50 -19.28
CA LEU A 291 -42.37 1.57 -18.48
C LEU A 291 -42.54 0.17 -19.04
N HIS A 292 -43.77 -0.21 -19.34
CA HIS A 292 -44.03 -1.52 -19.92
C HIS A 292 -43.31 -1.71 -21.27
N TYR A 293 -43.42 -0.70 -22.12
CA TYR A 293 -42.77 -0.73 -23.41
C TYR A 293 -41.27 -0.94 -23.28
N ARG A 294 -40.62 -0.22 -22.38
CA ARG A 294 -39.17 -0.32 -22.28
C ARG A 294 -38.71 -1.67 -21.73
N GLN A 295 -39.54 -2.27 -20.87
CA GLN A 295 -39.33 -3.66 -20.42
C GLN A 295 -39.40 -4.60 -21.61
N LEU A 296 -40.48 -4.51 -22.36
CA LEU A 296 -40.68 -5.43 -23.50
C LEU A 296 -39.56 -5.25 -24.51
N GLY A 297 -39.15 -4.00 -24.74
CA GLY A 297 -38.16 -3.69 -25.75
C GLY A 297 -36.80 -4.24 -25.34
N LYS A 298 -36.51 -4.25 -24.03
CA LYS A 298 -35.26 -4.87 -23.55
C LYS A 298 -35.30 -6.40 -23.70
N LEU A 299 -36.47 -7.00 -23.46
CA LEU A 299 -36.62 -8.43 -23.63
C LEU A 299 -36.27 -8.81 -25.06
N GLN A 300 -36.88 -8.09 -26.01
CA GLN A 300 -36.65 -8.30 -27.44
CA GLN A 300 -36.65 -8.36 -27.42
C GLN A 300 -35.21 -8.07 -27.84
N SER A 301 -34.66 -6.92 -27.46
CA SER A 301 -33.35 -6.56 -27.99
C SER A 301 -32.24 -7.42 -27.43
N THR A 302 -32.37 -7.75 -26.16
CA THR A 302 -31.28 -8.38 -25.43
C THR A 302 -31.46 -9.88 -25.26
N TYR A 303 -32.62 -10.29 -24.79
CA TYR A 303 -32.83 -11.68 -24.44
C TYR A 303 -33.47 -12.55 -25.53
N ILE A 304 -33.96 -11.93 -26.60
CA ILE A 304 -34.36 -12.69 -27.77
C ILE A 304 -33.33 -12.49 -28.87
N GLU A 305 -33.28 -11.29 -29.43
CA GLU A 305 -32.34 -11.00 -30.54
C GLU A 305 -30.90 -11.19 -30.13
N GLY A 306 -30.48 -10.54 -29.06
CA GLY A 306 -29.09 -10.62 -28.67
C GLY A 306 -28.64 -12.01 -28.33
N LEU A 307 -29.53 -12.78 -27.69
CA LEU A 307 -29.24 -14.14 -27.34
C LEU A 307 -29.15 -15.02 -28.60
N LEU A 308 -30.07 -14.87 -29.54
CA LEU A 308 -30.04 -15.70 -30.74
C LEU A 308 -28.77 -15.38 -31.52
N LYS A 309 -28.28 -14.15 -31.42
CA LYS A 309 -27.05 -13.79 -32.18
C LYS A 309 -25.83 -14.57 -31.74
N VAL A 310 -25.81 -15.02 -30.49
CA VAL A 310 -24.61 -15.68 -29.95
C VAL A 310 -24.79 -17.21 -29.81
N VAL A 311 -25.94 -17.73 -30.22
CA VAL A 311 -26.14 -19.18 -30.22
C VAL A 311 -25.28 -19.78 -31.31
N ARG A 312 -24.53 -20.83 -30.99
CA ARG A 312 -23.79 -21.55 -32.02
C ARG A 312 -24.82 -22.46 -32.74
N PRO A 313 -25.08 -22.24 -34.04
CA PRO A 313 -26.23 -22.91 -34.65
C PRO A 313 -26.21 -24.43 -34.65
N ALA A 314 -25.05 -25.04 -34.80
CA ALA A 314 -25.01 -26.49 -34.98
C ALA A 314 -25.32 -27.24 -33.70
N THR A 315 -25.00 -26.64 -32.56
CA THR A 315 -25.22 -27.30 -31.27
C THR A 315 -26.31 -26.62 -30.45
N LYS A 316 -26.70 -25.43 -30.89
CA LYS A 316 -27.69 -24.60 -30.22
C LYS A 316 -27.24 -24.22 -28.81
N LYS A 317 -25.93 -24.14 -28.59
CA LYS A 317 -25.42 -23.78 -27.27
C LYS A 317 -24.94 -22.34 -27.22
N VAL A 318 -25.05 -21.73 -26.04
CA VAL A 318 -24.40 -20.44 -25.78
C VAL A 318 -23.25 -20.65 -24.82
N HIS A 319 -22.15 -19.97 -25.10
CA HIS A 319 -20.91 -20.12 -24.35
C HIS A 319 -20.47 -18.77 -23.77
N THR A 320 -20.82 -18.53 -22.52
CA THR A 320 -20.45 -17.29 -21.84
C THR A 320 -18.98 -17.32 -21.49
N ILE A 321 -18.45 -16.17 -21.14
CA ILE A 321 -17.12 -16.07 -20.55
C ILE A 321 -17.31 -15.48 -19.19
N PHE A 322 -16.82 -16.19 -18.18
CA PHE A 322 -16.82 -15.69 -16.81
C PHE A 322 -15.53 -14.96 -16.55
N ASN A 323 -15.60 -13.64 -16.44
CA ASN A 323 -14.42 -12.82 -16.14
CA ASN A 323 -14.44 -12.85 -16.14
C ASN A 323 -14.12 -12.94 -14.66
N GLN A 324 -12.97 -13.55 -14.37
CA GLN A 324 -12.55 -13.87 -13.02
C GLN A 324 -11.63 -12.82 -12.43
N ALA A 325 -11.18 -11.88 -13.25
CA ALA A 325 -10.19 -10.89 -12.80
C ALA A 325 -10.67 -9.46 -13.10
N LEU A 326 -11.95 -9.20 -12.86
CA LEU A 326 -12.53 -7.91 -13.22
C LEU A 326 -13.16 -7.14 -12.06
N THR A 327 -14.03 -7.78 -11.28
CA THR A 327 -14.80 -7.00 -10.32
C THR A 327 -13.93 -6.60 -9.14
N GLN A 328 -14.31 -5.51 -8.51
CA GLN A 328 -13.49 -4.97 -7.43
C GLN A 328 -13.66 -5.70 -6.10
N THR A 329 -14.69 -6.54 -6.00
CA THR A 329 -15.03 -7.22 -4.76
C THR A 329 -14.69 -8.71 -4.71
N GLY A 330 -14.31 -9.30 -5.84
CA GLY A 330 -14.06 -10.74 -5.89
C GLY A 330 -15.15 -11.56 -6.57
N ARG A 331 -16.22 -10.89 -6.94
CA ARG A 331 -17.24 -11.55 -7.75
C ARG A 331 -16.71 -11.92 -9.12
N LEU A 332 -17.42 -12.83 -9.79
CA LEU A 332 -17.27 -13.02 -11.21
C LEU A 332 -18.16 -12.06 -11.97
N SER A 333 -17.90 -11.89 -13.26
CA SER A 333 -18.90 -11.30 -14.15
C SER A 333 -19.05 -12.23 -15.36
N SER A 334 -20.08 -12.00 -16.17
CA SER A 334 -20.41 -12.89 -17.28
C SER A 334 -20.69 -12.05 -18.52
N THR A 335 -20.03 -12.40 -19.63
CA THR A 335 -20.14 -11.61 -20.85
C THR A 335 -20.34 -12.47 -22.09
N GLU A 336 -21.01 -11.85 -23.05
CA GLU A 336 -21.18 -12.35 -24.42
C GLU A 336 -21.59 -13.81 -24.56
N PRO A 337 -22.77 -14.17 -24.03
CA PRO A 337 -23.72 -13.24 -23.41
C PRO A 337 -23.59 -13.21 -21.89
N ASN A 338 -24.17 -12.19 -21.26
CA ASN A 338 -24.31 -12.24 -19.81
C ASN A 338 -25.41 -13.20 -19.44
N LEU A 339 -25.05 -14.30 -18.77
CA LEU A 339 -26.05 -15.26 -18.30
C LEU A 339 -26.34 -15.09 -16.82
N GLN A 340 -25.80 -14.03 -16.21
CA GLN A 340 -26.08 -13.72 -14.81
C GLN A 340 -27.15 -12.64 -14.65
N ASN A 341 -27.73 -12.18 -15.75
CA ASN A 341 -28.84 -11.22 -15.64
C ASN A 341 -30.07 -11.57 -16.51
N ILE A 342 -30.33 -12.87 -16.60
CA ILE A 342 -31.51 -13.35 -17.30
C ILE A 342 -32.77 -13.06 -16.47
N PRO A 343 -33.83 -12.52 -17.10
CA PRO A 343 -34.97 -12.05 -16.30
C PRO A 343 -35.61 -13.10 -15.41
N ILE A 344 -36.10 -12.66 -14.26
CA ILE A 344 -36.83 -13.52 -13.34
C ILE A 344 -37.94 -12.80 -12.56
N ARG A 345 -37.79 -11.50 -12.39
CA ARG A 345 -38.64 -10.70 -11.49
C ARG A 345 -40.11 -10.67 -11.88
N LEU A 346 -40.36 -10.53 -13.18
CA LEU A 346 -41.71 -10.43 -13.71
C LEU A 346 -41.95 -11.69 -14.52
N GLU A 347 -43.16 -12.23 -14.45
CA GLU A 347 -43.48 -13.45 -15.20
C GLU A 347 -43.24 -13.27 -16.69
N GLU A 348 -43.58 -12.10 -17.22
CA GLU A 348 -43.38 -11.81 -18.64
C GLU A 348 -41.91 -12.02 -19.07
N GLY A 349 -40.94 -11.56 -18.27
CA GLY A 349 -39.55 -11.79 -18.61
C GLY A 349 -39.06 -13.18 -18.22
N ARG A 350 -39.60 -13.71 -17.13
CA ARG A 350 -39.13 -14.96 -16.56
C ARG A 350 -39.26 -16.10 -17.60
N LYS A 351 -40.24 -15.94 -18.48
CA LYS A 351 -40.55 -16.95 -19.50
C LYS A 351 -39.36 -17.20 -20.42
N ILE A 352 -38.45 -16.24 -20.49
CA ILE A 352 -37.21 -16.39 -21.25
C ILE A 352 -36.50 -17.66 -20.81
N ARG A 353 -36.58 -17.97 -19.52
CA ARG A 353 -35.81 -19.07 -18.96
C ARG A 353 -36.33 -20.44 -19.43
N GLN A 354 -37.50 -20.46 -20.06
CA GLN A 354 -38.02 -21.68 -20.65
C GLN A 354 -37.18 -22.08 -21.86
N ALA A 355 -36.38 -21.15 -22.38
CA ALA A 355 -35.64 -21.44 -23.58
C ALA A 355 -34.26 -21.99 -23.23
N PHE A 356 -33.94 -22.07 -21.94
CA PHE A 356 -32.67 -22.64 -21.50
C PHE A 356 -32.90 -24.08 -21.05
N VAL A 357 -32.35 -25.03 -21.80
CA VAL A 357 -32.69 -26.43 -21.59
C VAL A 357 -31.47 -27.33 -21.41
N PRO A 358 -31.68 -28.57 -20.96
CA PRO A 358 -30.56 -29.50 -20.78
C PRO A 358 -29.92 -29.89 -22.11
N SER A 359 -28.63 -30.23 -22.09
CA SER A 359 -27.89 -30.48 -23.32
C SER A 359 -28.11 -31.90 -23.83
N GLU A 360 -28.70 -32.76 -23.00
CA GLU A 360 -29.04 -34.13 -23.41
C GLU A 360 -30.50 -34.46 -23.12
N SER A 361 -31.07 -35.38 -23.90
CA SER A 361 -32.41 -35.88 -23.63
C SER A 361 -32.42 -36.63 -22.28
N ASP A 362 -33.50 -36.47 -21.53
CA ASP A 362 -33.67 -37.12 -20.23
C ASP A 362 -32.71 -36.59 -19.19
N TRP A 363 -32.22 -35.39 -19.44
CA TRP A 363 -31.50 -34.63 -18.42
C TRP A 363 -32.41 -33.53 -17.87
N LEU A 364 -32.00 -32.93 -16.76
CA LEU A 364 -32.78 -31.86 -16.12
C LEU A 364 -31.88 -30.75 -15.59
N ILE A 365 -32.44 -29.55 -15.40
CA ILE A 365 -31.72 -28.44 -14.77
C ILE A 365 -31.90 -28.44 -13.25
N PHE A 366 -30.80 -28.32 -12.51
CA PHE A 366 -30.82 -28.25 -11.06
C PHE A 366 -30.21 -26.92 -10.64
N ALA A 367 -30.93 -26.15 -9.81
CA ALA A 367 -30.48 -24.85 -9.36
C ALA A 367 -30.53 -24.75 -7.84
N ALA A 368 -29.42 -24.34 -7.24
CA ALA A 368 -29.35 -24.16 -5.80
C ALA A 368 -28.87 -22.74 -5.51
N ASP A 369 -29.48 -22.10 -4.51
CA ASP A 369 -29.14 -20.73 -4.12
C ASP A 369 -28.99 -20.57 -2.61
N TYR A 370 -27.92 -19.92 -2.18
CA TYR A 370 -27.72 -19.59 -0.76
C TYR A 370 -28.83 -18.66 -0.31
N SER A 371 -29.46 -18.93 0.83
CA SER A 371 -30.47 -18.01 1.32
C SER A 371 -29.84 -16.94 2.20
N GLN A 372 -30.19 -15.69 1.89
CA GLN A 372 -29.75 -14.53 2.66
C GLN A 372 -28.26 -14.55 2.91
N ILE A 373 -27.47 -14.92 1.91
CA ILE A 373 -26.04 -15.20 2.14
C ILE A 373 -25.29 -14.03 2.76
N GLU A 374 -25.51 -12.83 2.25
CA GLU A 374 -24.71 -11.69 2.69
C GLU A 374 -25.10 -11.29 4.12
N LEU A 375 -26.33 -11.60 4.49
CA LEU A 375 -26.80 -11.34 5.85
C LEU A 375 -26.22 -12.34 6.84
N ARG A 376 -26.07 -13.59 6.43
CA ARG A 376 -25.39 -14.57 7.28
C ARG A 376 -23.89 -14.24 7.44
N VAL A 377 -23.22 -13.91 6.34
CA VAL A 377 -21.82 -13.50 6.41
C VAL A 377 -21.66 -12.31 7.34
N LEU A 378 -22.53 -11.31 7.18
CA LEU A 378 -22.47 -10.10 7.99
C LEU A 378 -22.64 -10.43 9.47
N ALA A 379 -23.56 -11.33 9.76
CA ALA A 379 -23.77 -11.76 11.14
C ALA A 379 -22.48 -12.30 11.74
N HIS A 380 -21.75 -13.08 10.95
CA HIS A 380 -20.54 -13.75 11.39
C HIS A 380 -19.41 -12.74 11.61
N ILE A 381 -19.26 -11.84 10.66
CA ILE A 381 -18.19 -10.86 10.71
C ILE A 381 -18.45 -9.79 11.76
N ALA A 382 -19.68 -9.26 11.78
CA ALA A 382 -20.06 -8.25 12.74
C ALA A 382 -20.31 -8.83 14.13
N GLU A 383 -20.40 -10.15 14.22
CA GLU A 383 -20.69 -10.85 15.48
C GLU A 383 -21.85 -10.19 16.23
N ASP A 384 -22.86 -9.81 15.48
CA ASP A 384 -24.09 -9.28 16.05
C ASP A 384 -24.86 -10.46 16.66
N ASP A 385 -24.99 -10.48 17.98
CA ASP A 385 -25.67 -11.59 18.67
C ASP A 385 -27.12 -11.79 18.23
N ASN A 386 -27.86 -10.69 18.09
CA ASN A 386 -29.25 -10.76 17.67
C ASN A 386 -29.39 -11.43 16.28
N LEU A 387 -28.69 -10.89 15.28
CA LEU A 387 -28.79 -11.43 13.94
C LEU A 387 -28.24 -12.86 13.91
N MET A 388 -27.18 -13.09 14.68
CA MET A 388 -26.52 -14.40 14.76
C MET A 388 -27.48 -15.45 15.32
N GLU A 389 -28.34 -15.04 16.26
CA GLU A 389 -29.32 -15.96 16.85
C GLU A 389 -30.50 -16.18 15.91
N ALA A 390 -30.81 -15.16 15.11
CA ALA A 390 -31.89 -15.25 14.15
C ALA A 390 -31.65 -16.40 13.20
N PHE A 391 -30.40 -16.52 12.73
CA PHE A 391 -30.06 -17.54 11.75
C PHE A 391 -29.83 -18.90 12.41
N ARG A 392 -29.49 -18.90 13.69
CA ARG A 392 -29.39 -20.15 14.44
C ARG A 392 -30.79 -20.70 14.66
N ARG A 393 -31.77 -19.81 14.71
CA ARG A 393 -33.17 -20.20 14.84
C ARG A 393 -33.76 -20.51 13.46
N ASP A 394 -32.95 -20.39 12.42
CA ASP A 394 -33.36 -20.71 11.05
C ASP A 394 -34.52 -19.81 10.61
N LEU A 395 -34.54 -18.57 11.10
CA LEU A 395 -35.60 -17.62 10.75
C LEU A 395 -35.31 -16.99 9.40
N ASP A 396 -36.31 -16.27 8.87
CA ASP A 396 -36.16 -15.56 7.60
C ASP A 396 -36.24 -14.04 7.80
N ILE A 397 -35.09 -13.39 7.88
CA ILE A 397 -35.05 -11.96 8.14
C ILE A 397 -35.76 -11.17 7.03
N HIS A 398 -35.68 -11.67 5.79
CA HIS A 398 -36.38 -11.05 4.67
C HIS A 398 -37.90 -11.04 4.90
N THR A 399 -38.43 -12.13 5.44
CA THR A 399 -39.86 -12.22 5.68
C THR A 399 -40.23 -11.39 6.92
N LYS A 400 -39.36 -11.42 7.92
CA LYS A 400 -39.62 -10.69 9.17
C LYS A 400 -39.70 -9.19 8.89
N THR A 401 -38.71 -8.66 8.18
CA THR A 401 -38.77 -7.26 7.76
C THR A 401 -40.01 -6.97 6.91
N ALA A 402 -40.39 -7.92 6.06
CA ALA A 402 -41.63 -7.81 5.29
C ALA A 402 -42.84 -7.76 6.22
N ASN A 416 -44.54 -9.98 -3.66
CA ASN A 416 -43.71 -8.81 -3.91
C ASN A 416 -43.16 -8.24 -2.61
N MET A 417 -43.91 -8.42 -1.52
CA MET A 417 -43.52 -7.91 -0.21
C MET A 417 -42.13 -8.38 0.15
N ARG A 418 -41.93 -9.70 0.15
CA ARG A 418 -40.67 -10.26 0.58
C ARG A 418 -39.55 -9.73 -0.32
N ARG A 419 -39.80 -9.67 -1.62
CA ARG A 419 -38.78 -9.17 -2.55
C ARG A 419 -38.46 -7.71 -2.28
N GLN A 420 -39.48 -6.93 -1.95
CA GLN A 420 -39.31 -5.51 -1.69
C GLN A 420 -38.64 -5.28 -0.33
N ALA A 421 -38.80 -6.24 0.59
CA ALA A 421 -38.18 -6.17 1.91
C ALA A 421 -36.72 -6.58 1.86
N LYS A 422 -36.38 -7.44 0.89
CA LYS A 422 -34.99 -7.82 0.65
C LYS A 422 -34.12 -6.60 0.36
N ALA A 423 -34.65 -5.72 -0.49
CA ALA A 423 -33.94 -4.52 -0.91
C ALA A 423 -33.78 -3.56 0.27
N VAL A 424 -34.76 -3.60 1.18
CA VAL A 424 -34.72 -2.75 2.37
C VAL A 424 -33.60 -3.23 3.30
N ASN A 425 -33.59 -4.51 3.61
CA ASN A 425 -32.56 -5.06 4.49
C ASN A 425 -31.18 -4.78 3.92
N TYR A 426 -30.98 -5.09 2.64
CA TYR A 426 -29.68 -4.88 2.03
C TYR A 426 -29.38 -3.39 1.93
N GLY A 427 -30.40 -2.59 1.62
CA GLY A 427 -30.23 -1.15 1.57
C GLY A 427 -29.72 -0.58 2.88
N ILE A 428 -30.36 -1.01 3.95
CA ILE A 428 -30.11 -0.42 5.27
C ILE A 428 -28.74 -0.82 5.79
N VAL A 429 -28.39 -2.09 5.68
CA VAL A 429 -27.11 -2.53 6.25
C VAL A 429 -25.96 -1.94 5.44
N TYR A 430 -26.19 -1.64 4.17
CA TYR A 430 -25.12 -1.08 3.36
C TYR A 430 -25.17 0.44 3.23
N GLY A 431 -25.91 1.09 4.13
CA GLY A 431 -25.81 2.54 4.30
C GLY A 431 -26.75 3.41 3.46
N ILE A 432 -27.92 2.90 3.09
CA ILE A 432 -28.89 3.75 2.41
C ILE A 432 -29.20 4.92 3.35
N SER A 433 -29.57 6.07 2.79
CA SER A 433 -29.90 7.24 3.63
C SER A 433 -31.40 7.37 3.80
N ASP A 434 -31.83 8.27 4.68
CA ASP A 434 -33.26 8.48 4.88
C ASP A 434 -33.93 8.90 3.57
N TYR A 435 -33.23 9.71 2.78
CA TYR A 435 -33.76 10.15 1.49
C TYR A 435 -34.01 8.97 0.53
N GLY A 436 -33.04 8.06 0.47
CA GLY A 436 -33.14 6.93 -0.46
C GLY A 436 -34.21 5.93 -0.07
N LEU A 437 -34.33 5.65 1.22
CA LEU A 437 -35.32 4.69 1.67
C LEU A 437 -36.70 5.32 1.46
N ALA A 438 -36.83 6.61 1.79
CA ALA A 438 -38.10 7.31 1.60
C ALA A 438 -38.54 7.27 0.15
N GLN A 439 -37.64 7.57 -0.78
CA GLN A 439 -37.97 7.54 -2.20
C GLN A 439 -38.36 6.13 -2.64
N ASN A 440 -37.63 5.13 -2.13
CA ASN A 440 -37.89 3.73 -2.45
C ASN A 440 -39.30 3.26 -2.04
N LEU A 441 -39.66 3.47 -0.78
CA LEU A 441 -40.96 3.04 -0.26
C LEU A 441 -42.03 4.11 -0.43
N ASN A 442 -41.66 5.19 -1.14
CA ASN A 442 -42.51 6.37 -1.30
C ASN A 442 -43.08 6.89 0.00
N ILE A 443 -42.42 6.58 1.12
CA ILE A 443 -42.86 7.06 2.41
C ILE A 443 -42.22 8.41 2.73
N SER A 444 -42.52 8.91 3.92
CA SER A 444 -42.01 10.17 4.42
C SER A 444 -40.53 10.05 4.76
N ARG A 445 -39.78 11.08 4.44
CA ARG A 445 -38.35 11.10 4.74
C ARG A 445 -38.15 11.03 6.25
N LYS A 446 -39.07 11.62 6.99
CA LYS A 446 -39.03 11.58 8.43
C LYS A 446 -39.24 10.15 8.94
N GLU A 447 -40.22 9.48 8.34
CA GLU A 447 -40.56 8.10 8.68
C GLU A 447 -39.44 7.14 8.29
N ALA A 448 -38.83 7.39 7.14
CA ALA A 448 -37.72 6.57 6.68
C ALA A 448 -36.57 6.63 7.68
N ALA A 449 -36.27 7.83 8.17
CA ALA A 449 -35.16 8.01 9.11
C ALA A 449 -35.43 7.23 10.40
N GLU A 450 -36.68 7.24 10.85
CA GLU A 450 -37.05 6.56 12.08
C GLU A 450 -36.92 5.04 11.93
N PHE A 451 -37.24 4.53 10.73
CA PHE A 451 -37.17 3.10 10.46
C PHE A 451 -35.72 2.60 10.48
N ILE A 452 -34.82 3.42 9.97
CA ILE A 452 -33.41 3.08 9.96
C ILE A 452 -32.86 3.05 11.39
N GLU A 453 -33.33 3.96 12.23
CA GLU A 453 -32.89 4.04 13.61
C GLU A 453 -33.36 2.82 14.42
N ARG A 454 -34.61 2.43 14.21
CA ARG A 454 -35.18 1.24 14.83
C ARG A 454 -34.43 -0.03 14.37
N TYR A 455 -34.00 -0.05 13.12
CA TYR A 455 -33.32 -1.20 12.54
C TYR A 455 -31.99 -1.51 13.22
N PHE A 456 -31.25 -0.47 13.55
CA PHE A 456 -29.92 -0.65 14.14
C PHE A 456 -30.07 -0.89 15.62
N GLU A 457 -31.14 -0.34 16.18
CA GLU A 457 -31.57 -0.69 17.53
C GLU A 457 -31.62 -2.21 17.65
N SER A 458 -32.30 -2.86 16.71
CA SER A 458 -32.43 -4.33 16.73
C SER A 458 -31.14 -5.08 16.39
N PHE A 459 -30.27 -4.46 15.59
CA PHE A 459 -29.00 -5.09 15.23
C PHE A 459 -27.82 -4.15 15.53
N PRO A 460 -27.57 -3.90 16.83
CA PRO A 460 -26.57 -2.93 17.27
C PRO A 460 -25.14 -3.36 16.93
N GLY A 461 -24.93 -4.66 16.76
CA GLY A 461 -23.61 -5.16 16.42
C GLY A 461 -23.29 -4.80 14.99
N VAL A 462 -24.31 -4.78 14.15
CA VAL A 462 -24.14 -4.43 12.75
C VAL A 462 -23.73 -2.97 12.62
N LYS A 463 -24.49 -2.10 13.29
CA LYS A 463 -24.17 -0.68 13.36
C LYS A 463 -22.73 -0.46 13.87
N ARG A 464 -22.37 -1.10 14.98
CA ARG A 464 -21.02 -0.99 15.52
C ARG A 464 -19.98 -1.41 14.48
N TYR A 465 -20.22 -2.54 13.84
CA TYR A 465 -19.32 -3.07 12.84
C TYR A 465 -19.11 -2.09 11.71
N MET A 466 -20.20 -1.51 11.23
CA MET A 466 -20.11 -0.61 10.09
C MET A 466 -19.37 0.68 10.46
N GLU A 467 -19.53 1.14 11.69
CA GLU A 467 -18.76 2.28 12.15
C GLU A 467 -17.28 1.90 12.18
N ASN A 468 -17.00 0.74 12.76
CA ASN A 468 -15.61 0.32 12.96
C ASN A 468 -14.86 0.01 11.66
N ILE A 469 -15.54 -0.60 10.68
CA ILE A 469 -14.83 -0.98 9.46
C ILE A 469 -14.46 0.24 8.62
N VAL A 470 -15.28 1.27 8.69
CA VAL A 470 -14.93 2.52 8.07
C VAL A 470 -13.67 3.13 8.70
N GLN A 471 -13.60 3.15 10.03
CA GLN A 471 -12.41 3.70 10.69
C GLN A 471 -11.18 2.87 10.34
N GLU A 472 -11.35 1.56 10.28
CA GLU A 472 -10.23 0.68 9.92
C GLU A 472 -9.73 0.96 8.50
N ALA A 473 -10.64 1.20 7.58
CA ALA A 473 -10.23 1.48 6.22
C ALA A 473 -9.45 2.81 6.12
N LYS A 474 -9.85 3.80 6.90
CA LYS A 474 -9.14 5.07 6.95
C LYS A 474 -7.72 4.86 7.50
N GLN A 475 -7.59 4.01 8.52
CA GLN A 475 -6.28 3.74 9.13
C GLN A 475 -5.34 2.90 8.26
N LYS A 476 -5.89 1.91 7.57
CA LYS A 476 -5.08 0.95 6.81
C LYS A 476 -4.97 1.28 5.34
N GLY A 477 -6.05 1.79 4.77
CA GLY A 477 -6.09 2.08 3.36
C GLY A 477 -6.71 0.96 2.54
N TYR A 478 -7.17 -0.11 3.19
CA TYR A 478 -7.80 -1.23 2.49
C TYR A 478 -8.69 -2.01 3.45
N VAL A 479 -9.59 -2.82 2.88
CA VAL A 479 -10.42 -3.76 3.64
C VAL A 479 -10.18 -5.16 3.08
N THR A 480 -10.59 -6.18 3.84
CA THR A 480 -10.30 -7.56 3.51
C THR A 480 -11.56 -8.43 3.65
N THR A 481 -11.55 -9.56 2.97
CA THR A 481 -12.63 -10.54 3.10
C THR A 481 -12.18 -11.72 3.97
N LEU A 482 -13.09 -12.67 4.16
CA LEU A 482 -12.84 -13.86 4.97
C LEU A 482 -11.62 -14.67 4.55
N LEU A 483 -11.45 -14.84 3.24
CA LEU A 483 -10.32 -15.61 2.71
C LEU A 483 -9.20 -14.68 2.24
N HIS A 484 -9.17 -13.49 2.82
CA HIS A 484 -8.05 -12.56 2.70
C HIS A 484 -7.93 -11.86 1.34
N ARG A 485 -9.04 -11.76 0.60
CA ARG A 485 -9.08 -10.91 -0.56
C ARG A 485 -9.01 -9.46 -0.09
N ARG A 486 -8.42 -8.58 -0.89
CA ARG A 486 -8.20 -7.19 -0.49
C ARG A 486 -8.78 -6.21 -1.51
N ARG A 487 -9.29 -5.07 -1.01
CA ARG A 487 -9.58 -3.91 -1.86
C ARG A 487 -8.98 -2.66 -1.22
N TYR A 488 -8.19 -1.92 -1.99
CA TYR A 488 -7.60 -0.69 -1.52
C TYR A 488 -8.57 0.46 -1.77
N LEU A 489 -8.60 1.38 -0.82
CA LEU A 489 -9.54 2.50 -0.86
C LEU A 489 -8.83 3.80 -0.63
N PRO A 490 -8.01 4.24 -1.61
CA PRO A 490 -7.15 5.42 -1.35
C PRO A 490 -7.94 6.74 -1.26
N ASP A 491 -9.21 6.73 -1.69
CA ASP A 491 -10.09 7.92 -1.62
C ASP A 491 -10.78 8.12 -0.29
N ILE A 492 -10.60 7.21 0.64
CA ILE A 492 -11.46 7.22 1.82
C ILE A 492 -11.18 8.33 2.82
N THR A 493 -10.09 9.09 2.65
CA THR A 493 -9.88 10.26 3.51
C THR A 493 -9.98 11.55 2.72
N SER A 494 -10.46 11.44 1.49
CA SER A 494 -10.68 12.61 0.65
C SER A 494 -11.40 13.70 1.43
N ARG A 495 -10.97 14.94 1.23
CA ARG A 495 -11.68 16.07 1.80
C ARG A 495 -13.05 16.30 1.14
N ASN A 496 -13.22 15.82 -0.09
CA ASN A 496 -14.48 15.93 -0.81
C ASN A 496 -15.55 14.97 -0.28
N PHE A 497 -16.70 15.52 0.09
CA PHE A 497 -17.75 14.74 0.74
C PHE A 497 -18.24 13.56 -0.11
N ASN A 498 -18.52 13.82 -1.39
CA ASN A 498 -19.00 12.77 -2.28
C ASN A 498 -17.95 11.68 -2.50
N VAL A 499 -16.70 12.08 -2.75
CA VAL A 499 -15.66 11.10 -2.97
C VAL A 499 -15.49 10.25 -1.70
N ARG A 500 -15.38 10.92 -0.54
CA ARG A 500 -15.24 10.24 0.73
C ARG A 500 -16.40 9.31 1.08
N SER A 501 -17.62 9.79 0.88
CA SER A 501 -18.79 9.02 1.29
C SER A 501 -18.91 7.74 0.48
N PHE A 502 -18.64 7.84 -0.81
CA PHE A 502 -18.73 6.65 -1.64
C PHE A 502 -17.68 5.64 -1.22
N ALA A 503 -16.50 6.13 -0.82
CA ALA A 503 -15.46 5.22 -0.40
C ALA A 503 -15.85 4.56 0.92
N GLU A 504 -16.49 5.31 1.81
CA GLU A 504 -16.90 4.73 3.09
C GLU A 504 -17.93 3.62 2.88
N ARG A 505 -18.83 3.84 1.94
CA ARG A 505 -19.82 2.81 1.64
C ARG A 505 -19.21 1.59 1.00
N MET A 506 -18.12 1.74 0.25
CA MET A 506 -17.39 0.58 -0.26
C MET A 506 -16.79 -0.18 0.92
N ALA A 507 -16.29 0.56 1.90
CA ALA A 507 -15.72 -0.09 3.07
C ALA A 507 -16.77 -0.96 3.77
N MET A 508 -18.02 -0.49 3.81
CA MET A 508 -19.12 -1.24 4.42
C MET A 508 -19.53 -2.46 3.61
N ASN A 509 -19.56 -2.31 2.30
CA ASN A 509 -20.14 -3.35 1.45
C ASN A 509 -19.15 -4.38 0.93
N THR A 510 -17.93 -3.94 0.61
CA THR A 510 -16.99 -4.82 -0.07
C THR A 510 -16.62 -6.07 0.77
N PRO A 511 -16.36 -5.90 2.06
CA PRO A 511 -15.98 -7.11 2.80
C PRO A 511 -17.06 -8.17 2.82
N ILE A 512 -18.31 -7.76 2.75
CA ILE A 512 -19.43 -8.70 2.83
C ILE A 512 -19.74 -9.35 1.46
N GLN A 513 -19.86 -8.52 0.44
CA GLN A 513 -20.08 -9.04 -0.91
C GLN A 513 -18.92 -9.92 -1.31
N GLY A 514 -17.70 -9.48 -0.98
CA GLY A 514 -16.51 -10.22 -1.32
C GLY A 514 -16.35 -11.50 -0.54
N SER A 515 -16.75 -11.50 0.73
CA SER A 515 -16.71 -12.72 1.53
C SER A 515 -17.69 -13.76 0.99
N ALA A 516 -18.87 -13.30 0.60
CA ALA A 516 -19.85 -14.17 -0.03
C ALA A 516 -19.32 -14.74 -1.35
N ALA A 517 -18.56 -13.93 -2.10
CA ALA A 517 -17.91 -14.44 -3.30
C ALA A 517 -16.92 -15.54 -2.96
N ASP A 518 -16.06 -15.27 -1.97
CA ASP A 518 -15.07 -16.24 -1.54
C ASP A 518 -15.74 -17.61 -1.30
N ILE A 519 -16.89 -17.58 -0.64
CA ILE A 519 -17.54 -18.81 -0.18
C ILE A 519 -18.08 -19.64 -1.34
N ILE A 520 -18.73 -18.99 -2.30
CA ILE A 520 -19.31 -19.77 -3.38
C ILE A 520 -18.20 -20.30 -4.30
N LYS A 521 -17.10 -19.56 -4.42
CA LYS A 521 -15.94 -20.06 -5.17
C LYS A 521 -15.41 -21.35 -4.54
N LYS A 522 -15.27 -21.36 -3.22
CA LYS A 522 -14.78 -22.55 -2.53
C LYS A 522 -15.76 -23.71 -2.71
N ALA A 523 -17.05 -23.40 -2.61
CA ALA A 523 -18.11 -24.39 -2.80
C ALA A 523 -18.06 -25.05 -4.19
N MET A 524 -17.74 -24.28 -5.22
CA MET A 524 -17.65 -24.84 -6.58
C MET A 524 -16.51 -25.86 -6.65
N ILE A 525 -15.38 -25.51 -6.04
CA ILE A 525 -14.23 -26.38 -6.00
C ILE A 525 -14.57 -27.67 -5.26
N ASP A 526 -15.11 -27.52 -4.05
CA ASP A 526 -15.50 -28.67 -3.24
C ASP A 526 -16.54 -29.53 -3.98
N LEU A 527 -17.46 -28.89 -4.70
CA LEU A 527 -18.54 -29.63 -5.35
C LEU A 527 -18.02 -30.48 -6.51
N ASN A 528 -17.18 -29.90 -7.36
CA ASN A 528 -16.61 -30.67 -8.45
C ASN A 528 -15.86 -31.91 -8.00
N ALA A 529 -15.06 -31.76 -6.95
CA ALA A 529 -14.36 -32.91 -6.38
C ALA A 529 -15.36 -33.97 -5.93
N ARG A 530 -16.45 -33.55 -5.29
CA ARG A 530 -17.44 -34.50 -4.79
C ARG A 530 -18.14 -35.22 -5.93
N LEU A 531 -18.39 -34.49 -7.02
CA LEU A 531 -18.99 -35.07 -8.22
C LEU A 531 -18.09 -36.15 -8.83
N LYS A 532 -16.79 -35.89 -8.85
CA LYS A 532 -15.82 -36.86 -9.39
C LYS A 532 -15.76 -38.10 -8.51
N GLU A 533 -15.61 -37.89 -7.20
CA GLU A 533 -15.57 -38.99 -6.26
C GLU A 533 -16.76 -39.92 -6.44
N GLU A 534 -17.95 -39.33 -6.55
CA GLU A 534 -19.18 -40.10 -6.67
C GLU A 534 -19.45 -40.53 -8.11
N ARG A 535 -18.59 -40.10 -9.01
CA ARG A 535 -18.69 -40.48 -10.42
C ARG A 535 -20.05 -40.11 -11.03
N LEU A 536 -20.56 -38.94 -10.65
CA LEU A 536 -21.80 -38.45 -11.23
C LEU A 536 -21.48 -37.81 -12.57
N GLN A 537 -22.46 -37.83 -13.48
CA GLN A 537 -22.32 -37.18 -14.78
C GLN A 537 -22.73 -35.71 -14.70
N ALA A 538 -23.43 -35.37 -13.63
CA ALA A 538 -23.86 -34.00 -13.38
C ALA A 538 -22.68 -33.05 -13.49
N HIS A 539 -22.93 -31.85 -13.99
CA HIS A 539 -21.86 -30.85 -14.01
C HIS A 539 -22.39 -29.44 -13.97
N LEU A 540 -21.54 -28.52 -13.50
CA LEU A 540 -21.89 -27.11 -13.43
C LEU A 540 -22.04 -26.48 -14.80
N LEU A 541 -23.03 -25.61 -14.92
CA LEU A 541 -23.25 -24.82 -16.13
C LEU A 541 -23.00 -23.35 -15.85
N LEU A 542 -23.55 -22.84 -14.75
CA LEU A 542 -23.47 -21.42 -14.45
C LEU A 542 -23.32 -21.18 -12.97
N GLN A 543 -22.70 -20.03 -12.66
CA GLN A 543 -22.72 -19.45 -11.33
C GLN A 543 -23.36 -18.09 -11.52
N VAL A 544 -24.28 -17.74 -10.62
CA VAL A 544 -24.98 -16.45 -10.64
C VAL A 544 -24.87 -15.85 -9.25
N HIS A 545 -23.61 -15.60 -8.88
CA HIS A 545 -23.20 -14.89 -7.64
C HIS A 545 -23.40 -15.59 -6.33
N ASP A 546 -24.63 -16.06 -6.10
CA ASP A 546 -24.88 -16.84 -4.90
C ASP A 546 -25.70 -18.08 -5.26
N GLU A 547 -25.70 -18.42 -6.55
CA GLU A 547 -26.45 -19.57 -7.06
C GLU A 547 -25.57 -20.42 -7.93
N LEU A 548 -25.81 -21.73 -7.92
CA LEU A 548 -25.11 -22.64 -8.82
C LEU A 548 -26.13 -23.38 -9.66
N ILE A 549 -25.89 -23.41 -10.98
CA ILE A 549 -26.80 -24.09 -11.89
C ILE A 549 -26.07 -25.25 -12.58
N LEU A 550 -26.67 -26.44 -12.47
CA LEU A 550 -26.12 -27.69 -13.02
C LEU A 550 -27.11 -28.33 -13.97
N GLU A 551 -26.63 -29.25 -14.80
CA GLU A 551 -27.51 -30.20 -15.50
C GLU A 551 -27.02 -31.61 -15.19
N ALA A 552 -27.93 -32.58 -15.23
CA ALA A 552 -27.57 -33.95 -14.94
C ALA A 552 -28.65 -34.90 -15.42
N PRO A 553 -28.29 -36.17 -15.62
CA PRO A 553 -29.33 -37.15 -15.92
C PRO A 553 -30.43 -37.11 -14.87
N LYS A 554 -31.68 -37.40 -15.26
CA LYS A 554 -32.77 -37.30 -14.30
C LYS A 554 -32.56 -38.24 -13.11
N GLU A 555 -31.85 -39.33 -13.32
CA GLU A 555 -31.66 -40.33 -12.28
C GLU A 555 -30.77 -39.80 -11.16
N GLU A 556 -30.06 -38.71 -11.41
CA GLU A 556 -29.12 -38.19 -10.42
C GLU A 556 -29.73 -37.09 -9.56
N MET A 557 -30.96 -36.70 -9.87
CA MET A 557 -31.61 -35.61 -9.15
C MET A 557 -31.66 -35.88 -7.64
N GLU A 558 -32.10 -37.07 -7.26
CA GLU A 558 -32.24 -37.40 -5.85
C GLU A 558 -30.92 -37.17 -5.13
N ARG A 559 -29.84 -37.71 -5.67
CA ARG A 559 -28.53 -37.53 -5.05
C ARG A 559 -28.17 -36.06 -4.97
N LEU A 560 -28.41 -35.35 -6.06
CA LEU A 560 -28.08 -33.93 -6.13
C LEU A 560 -28.78 -33.14 -5.02
N CYS A 561 -30.00 -33.53 -4.69
CA CYS A 561 -30.80 -32.84 -3.67
C CYS A 561 -30.11 -32.88 -2.31
N ARG A 562 -29.34 -33.93 -2.07
CA ARG A 562 -28.56 -34.04 -0.84
C ARG A 562 -27.17 -33.44 -1.04
N LEU A 563 -26.50 -33.84 -2.13
CA LEU A 563 -25.09 -33.51 -2.36
C LEU A 563 -24.84 -32.02 -2.56
N VAL A 564 -25.50 -31.44 -3.56
CA VAL A 564 -25.24 -30.05 -3.93
C VAL A 564 -25.40 -29.08 -2.73
N PRO A 565 -26.57 -29.12 -2.07
CA PRO A 565 -26.75 -28.26 -0.90
C PRO A 565 -25.77 -28.55 0.24
N GLU A 566 -25.47 -29.82 0.52
CA GLU A 566 -24.55 -30.14 1.62
C GLU A 566 -23.17 -29.55 1.35
N VAL A 567 -22.66 -29.76 0.13
CA VAL A 567 -21.33 -29.28 -0.20
C VAL A 567 -21.27 -27.75 -0.14
N MET A 568 -22.33 -27.10 -0.61
CA MET A 568 -22.38 -25.64 -0.60
C MET A 568 -22.44 -25.10 0.84
N GLU A 569 -23.24 -25.73 1.68
CA GLU A 569 -23.45 -25.27 3.04
C GLU A 569 -22.22 -25.46 3.91
N GLN A 570 -21.34 -26.39 3.53
CA GLN A 570 -20.20 -26.76 4.35
C GLN A 570 -18.89 -26.18 3.82
N ALA A 571 -18.95 -25.48 2.70
CA ALA A 571 -17.78 -24.88 2.08
C ALA A 571 -16.94 -24.08 3.07
N VAL A 572 -17.59 -23.29 3.92
CA VAL A 572 -16.93 -22.69 5.08
C VAL A 572 -17.76 -22.99 6.32
N THR A 573 -17.17 -22.79 7.48
CA THR A 573 -17.91 -22.87 8.73
C THR A 573 -17.90 -21.50 9.37
N LEU A 574 -19.09 -20.94 9.54
CA LEU A 574 -19.23 -19.64 10.17
C LEU A 574 -19.81 -19.83 11.56
N ARG A 575 -20.22 -18.72 12.18
CA ARG A 575 -20.75 -18.76 13.54
C ARG A 575 -22.25 -18.95 13.38
N VAL A 576 -22.69 -18.86 12.13
CA VAL A 576 -24.08 -19.07 11.78
C VAL A 576 -24.09 -20.12 10.68
N PRO A 577 -25.20 -20.87 10.56
CA PRO A 577 -25.26 -21.87 9.49
C PRO A 577 -25.46 -21.21 8.14
N LEU A 578 -24.94 -21.85 7.11
CA LEU A 578 -25.32 -21.49 5.74
C LEU A 578 -26.50 -22.35 5.34
N LYS A 579 -27.43 -21.76 4.61
CA LYS A 579 -28.62 -22.46 4.13
C LYS A 579 -28.73 -22.35 2.61
N VAL A 580 -29.04 -23.45 1.95
CA VAL A 580 -29.15 -23.48 0.50
C VAL A 580 -30.48 -24.10 0.09
N ASP A 581 -31.26 -23.33 -0.69
CA ASP A 581 -32.47 -23.81 -1.33
C ASP A 581 -32.14 -24.39 -2.70
N TYR A 582 -32.97 -25.34 -3.15
CA TYR A 582 -32.74 -26.00 -4.44
C TYR A 582 -34.04 -26.47 -5.09
N HIS A 583 -34.02 -26.51 -6.42
CA HIS A 583 -35.15 -26.96 -7.22
C HIS A 583 -34.61 -27.50 -8.54
N TYR A 584 -35.35 -28.39 -9.17
CA TYR A 584 -34.94 -28.89 -10.49
C TYR A 584 -36.12 -29.07 -11.42
N GLY A 585 -35.84 -29.12 -12.72
CA GLY A 585 -36.91 -29.26 -13.70
C GLY A 585 -36.43 -29.34 -15.14
N SER A 586 -37.41 -29.37 -16.03
CA SER A 586 -37.20 -29.58 -17.45
C SER A 586 -36.52 -28.42 -18.17
N THR A 587 -36.65 -27.22 -17.62
CA THR A 587 -35.95 -26.05 -18.15
C THR A 587 -35.45 -25.24 -16.97
N TRP A 588 -34.68 -24.19 -17.24
CA TRP A 588 -34.22 -23.32 -16.17
C TRP A 588 -35.44 -22.66 -15.50
N TYR A 589 -36.44 -22.28 -16.29
CA TYR A 589 -37.67 -21.70 -15.76
C TYR A 589 -38.28 -22.60 -14.69
N ASP A 590 -38.32 -23.89 -14.99
CA ASP A 590 -38.98 -24.85 -14.10
C ASP A 590 -38.14 -25.20 -12.89
N ALA A 591 -36.84 -24.92 -12.95
CA ALA A 591 -35.97 -25.14 -11.80
C ALA A 591 -36.22 -24.03 -10.79
N LYS B 14 28.60 -26.71 19.94
CA LYS B 14 27.24 -27.23 20.01
C LYS B 14 26.36 -26.74 18.85
N MET B 15 26.97 -26.17 17.81
CA MET B 15 26.28 -25.88 16.54
C MET B 15 27.20 -26.24 15.38
N ALA B 16 26.72 -27.16 14.53
CA ALA B 16 27.52 -27.66 13.42
C ALA B 16 27.66 -26.61 12.33
N PHE B 17 28.86 -26.50 11.77
CA PHE B 17 29.07 -25.72 10.56
C PHE B 17 30.37 -26.13 9.89
N THR B 18 30.48 -25.77 8.62
CA THR B 18 31.66 -25.98 7.82
C THR B 18 32.52 -24.74 7.84
N LEU B 19 33.76 -24.90 8.29
CA LEU B 19 34.72 -23.81 8.23
C LEU B 19 35.41 -23.97 6.89
N ALA B 20 34.94 -23.21 5.92
CA ALA B 20 35.19 -23.53 4.52
C ALA B 20 36.43 -22.86 4.00
N ASP B 21 37.14 -23.59 3.14
CA ASP B 21 38.39 -23.09 2.59
C ASP B 21 38.19 -22.51 1.21
N ARG B 22 37.01 -22.75 0.64
CA ARG B 22 36.68 -22.23 -0.68
C ARG B 22 35.16 -22.14 -0.78
N VAL B 23 34.67 -21.36 -1.72
CA VAL B 23 33.23 -21.22 -1.96
C VAL B 23 32.69 -22.39 -2.80
N THR B 24 31.55 -22.96 -2.39
CA THR B 24 30.92 -24.02 -3.13
C THR B 24 29.50 -23.63 -3.59
N GLU B 25 28.97 -24.38 -4.56
CA GLU B 25 27.67 -24.04 -5.13
C GLU B 25 26.57 -24.06 -4.08
N GLU B 26 26.62 -25.00 -3.13
CA GLU B 26 25.57 -25.04 -2.12
C GLU B 26 25.53 -23.81 -1.20
N MET B 27 26.61 -23.02 -1.18
CA MET B 27 26.62 -21.80 -0.38
C MET B 27 25.91 -20.67 -1.12
N LEU B 28 25.56 -20.91 -2.38
CA LEU B 28 25.02 -19.84 -3.25
C LEU B 28 23.55 -20.09 -3.59
N ALA B 29 22.79 -20.51 -2.59
CA ALA B 29 21.37 -20.78 -2.75
C ALA B 29 20.55 -19.51 -2.92
N ASP B 30 19.30 -19.65 -3.38
CA ASP B 30 18.50 -18.47 -3.65
C ASP B 30 17.82 -17.85 -2.41
N LYS B 31 18.02 -18.46 -1.23
CA LYS B 31 17.67 -17.80 0.02
C LYS B 31 18.67 -18.20 1.08
N ALA B 32 19.18 -17.22 1.82
CA ALA B 32 20.12 -17.44 2.89
C ALA B 32 20.07 -16.33 3.93
N ALA B 33 20.46 -16.68 5.13
CA ALA B 33 20.93 -15.71 6.11
C ALA B 33 22.42 -15.46 5.89
N LEU B 34 22.79 -14.18 5.87
CA LEU B 34 24.13 -13.72 5.51
C LEU B 34 24.63 -12.79 6.60
N VAL B 35 25.82 -13.05 7.12
CA VAL B 35 26.52 -12.19 8.04
C VAL B 35 27.85 -11.79 7.39
N VAL B 36 28.04 -10.47 7.27
CA VAL B 36 29.29 -9.89 6.78
C VAL B 36 29.79 -8.99 7.87
N GLU B 37 30.73 -9.49 8.67
CA GLU B 37 30.98 -8.93 9.97
C GLU B 37 31.98 -7.80 9.94
N VAL B 38 31.54 -6.64 10.44
CA VAL B 38 32.39 -5.47 10.56
C VAL B 38 32.31 -5.05 12.01
N VAL B 39 33.43 -5.18 12.72
CA VAL B 39 33.45 -4.96 14.17
C VAL B 39 33.64 -3.48 14.60
N GLU B 40 34.31 -2.69 13.77
CA GLU B 40 34.50 -1.28 14.07
C GLU B 40 33.15 -0.60 14.01
N GLU B 41 32.85 0.21 15.00
CA GLU B 41 31.57 0.87 15.08
C GLU B 41 31.29 1.75 13.85
N ASN B 42 32.30 2.54 13.46
CA ASN B 42 32.25 3.26 12.20
C ASN B 42 32.69 2.30 11.09
N TYR B 43 31.74 1.88 10.26
CA TYR B 43 32.01 0.86 9.24
C TYR B 43 32.58 1.38 7.94
N HIS B 44 32.80 2.68 7.85
CA HIS B 44 33.39 3.26 6.64
C HIS B 44 34.83 2.82 6.50
N ASP B 45 35.11 2.19 5.35
CA ASP B 45 36.48 1.71 5.02
C ASP B 45 37.06 0.84 6.12
N ALA B 46 36.20 0.01 6.71
CA ALA B 46 36.58 -0.84 7.85
C ALA B 46 36.76 -2.28 7.40
N PRO B 47 37.60 -3.02 8.12
CA PRO B 47 37.77 -4.43 7.82
C PRO B 47 36.52 -5.26 7.91
N ILE B 48 36.36 -6.19 6.97
CA ILE B 48 35.41 -7.29 7.11
C ILE B 48 36.18 -8.47 7.67
N VAL B 49 35.75 -8.99 8.81
CA VAL B 49 36.59 -9.93 9.58
C VAL B 49 36.17 -11.38 9.37
N GLY B 50 34.99 -11.60 8.81
CA GLY B 50 34.46 -12.93 8.60
C GLY B 50 33.09 -12.88 7.96
N ILE B 51 32.71 -13.98 7.35
CA ILE B 51 31.44 -14.10 6.72
C ILE B 51 30.80 -15.41 7.15
N ALA B 52 29.49 -15.40 7.39
CA ALA B 52 28.73 -16.65 7.55
C ALA B 52 27.52 -16.70 6.64
N VAL B 53 27.18 -17.91 6.20
CA VAL B 53 26.00 -18.16 5.39
C VAL B 53 25.25 -19.36 5.97
N VAL B 54 23.95 -19.21 6.24
CA VAL B 54 23.09 -20.33 6.65
C VAL B 54 21.96 -20.43 5.65
N ASN B 55 21.77 -21.62 5.08
CA ASN B 55 20.69 -21.83 4.13
C ASN B 55 20.19 -23.25 4.26
N GLU B 56 19.34 -23.66 3.35
CA GLU B 56 18.75 -24.99 3.40
C GLU B 56 19.76 -26.13 3.38
N HIS B 57 20.95 -25.86 2.85
CA HIS B 57 21.99 -26.89 2.70
C HIS B 57 22.95 -26.96 3.88
N GLY B 58 22.96 -25.97 4.76
CA GLY B 58 23.87 -26.05 5.87
C GLY B 58 24.30 -24.69 6.37
N ARG B 59 25.35 -24.71 7.19
CA ARG B 59 25.92 -23.53 7.82
C ARG B 59 27.39 -23.46 7.47
N PHE B 60 27.84 -22.27 7.06
CA PHE B 60 29.17 -22.10 6.50
C PHE B 60 29.82 -20.85 7.03
N PHE B 61 31.11 -20.95 7.37
CA PHE B 61 31.95 -19.79 7.66
C PHE B 61 32.99 -19.67 6.55
N LEU B 62 33.15 -18.45 6.06
CA LEU B 62 34.14 -18.11 5.04
C LEU B 62 35.06 -17.00 5.50
N ARG B 63 36.34 -17.14 5.19
CA ARG B 63 37.27 -16.03 5.40
C ARG B 63 37.08 -15.00 4.31
N PRO B 64 37.11 -13.70 4.65
CA PRO B 64 36.77 -12.76 3.57
C PRO B 64 37.79 -12.61 2.44
N GLU B 65 39.06 -12.79 2.77
CA GLU B 65 40.12 -12.68 1.75
C GLU B 65 39.83 -13.69 0.64
N THR B 66 39.22 -14.81 1.03
CA THR B 66 38.80 -15.89 0.14
C THR B 66 37.50 -15.57 -0.58
N ALA B 67 36.43 -15.41 0.19
CA ALA B 67 35.09 -15.26 -0.36
C ALA B 67 34.99 -13.99 -1.22
N LEU B 68 35.62 -12.91 -0.79
CA LEU B 68 35.37 -11.64 -1.49
C LEU B 68 36.20 -11.49 -2.75
N ALA B 69 37.15 -12.39 -2.95
CA ALA B 69 37.88 -12.51 -4.20
C ALA B 69 37.37 -13.65 -5.09
N ASP B 70 36.31 -14.33 -4.67
CA ASP B 70 35.74 -15.39 -5.47
C ASP B 70 34.69 -14.82 -6.39
N PRO B 71 34.84 -15.05 -7.69
CA PRO B 71 33.94 -14.35 -8.61
C PRO B 71 32.48 -14.84 -8.52
N GLN B 72 32.29 -16.12 -8.18
CA GLN B 72 30.93 -16.64 -8.02
C GLN B 72 30.30 -16.09 -6.74
N PHE B 73 31.09 -15.93 -5.68
CA PHE B 73 30.53 -15.38 -4.45
C PHE B 73 30.14 -13.91 -4.64
N VAL B 74 31.03 -13.15 -5.27
CA VAL B 74 30.74 -11.76 -5.60
C VAL B 74 29.49 -11.61 -6.50
N ALA B 75 29.35 -12.48 -7.49
CA ALA B 75 28.16 -12.44 -8.35
C ALA B 75 26.90 -12.73 -7.54
N TRP B 76 26.98 -13.72 -6.66
CA TRP B 76 25.87 -14.07 -5.76
C TRP B 76 25.46 -12.88 -4.88
N LEU B 77 26.44 -12.23 -4.26
CA LEU B 77 26.19 -11.03 -3.45
C LEU B 77 25.40 -9.99 -4.25
N GLY B 78 25.78 -9.81 -5.53
CA GLY B 78 25.22 -8.77 -6.37
C GLY B 78 23.91 -9.10 -7.08
N ASP B 79 23.42 -10.33 -6.91
CA ASP B 79 22.24 -10.80 -7.65
C ASP B 79 20.99 -10.57 -6.80
N GLU B 80 20.17 -9.63 -7.26
CA GLU B 80 18.95 -9.27 -6.53
C GLU B 80 17.99 -10.44 -6.36
N THR B 81 18.16 -11.47 -7.19
CA THR B 81 17.25 -12.62 -7.12
C THR B 81 17.69 -13.68 -6.12
N LYS B 82 18.90 -13.52 -5.58
CA LYS B 82 19.39 -14.38 -4.52
C LYS B 82 19.12 -13.61 -3.22
N LYS B 83 18.16 -14.08 -2.46
CA LYS B 83 17.65 -13.28 -1.35
C LYS B 83 18.42 -13.54 -0.07
N LYS B 84 18.71 -12.46 0.64
CA LYS B 84 19.46 -12.54 1.87
C LYS B 84 18.69 -11.94 3.04
N SER B 85 18.73 -12.65 4.16
CA SER B 85 18.25 -12.11 5.41
CA SER B 85 18.25 -12.15 5.42
C SER B 85 19.46 -11.77 6.26
N MET B 86 19.40 -10.59 6.87
CA MET B 86 20.57 -10.02 7.57
C MET B 86 20.16 -9.26 8.80
N PHE B 87 21.16 -8.78 9.55
CA PHE B 87 20.99 -7.83 10.63
C PHE B 87 21.90 -6.64 10.36
N ASP B 88 21.32 -5.45 10.20
CA ASP B 88 22.08 -4.23 9.85
C ASP B 88 22.73 -4.42 8.48
N SER B 89 21.87 -4.61 7.49
CA SER B 89 22.34 -4.79 6.11
C SER B 89 23.05 -3.55 5.58
N LYS B 90 22.70 -2.36 6.07
CA LYS B 90 23.36 -1.14 5.61
C LYS B 90 24.85 -1.15 5.95
N ARG B 91 25.16 -1.59 7.14
CA ARG B 91 26.55 -1.75 7.59
C ARG B 91 27.30 -2.65 6.62
N ALA B 92 26.71 -3.80 6.30
CA ALA B 92 27.32 -4.75 5.39
C ALA B 92 27.44 -4.16 3.97
N ALA B 93 26.38 -3.53 3.50
CA ALA B 93 26.37 -2.94 2.16
C ALA B 93 27.47 -1.87 2.02
N VAL B 94 27.60 -0.96 2.98
CA VAL B 94 28.58 0.08 2.88
C VAL B 94 30.00 -0.48 3.02
N ALA B 95 30.22 -1.40 3.96
CA ALA B 95 31.55 -2.00 4.09
C ALA B 95 31.94 -2.66 2.77
N LEU B 96 30.99 -3.38 2.17
CA LEU B 96 31.24 -3.96 0.88
C LEU B 96 31.49 -2.94 -0.23
N LYS B 97 30.81 -1.80 -0.21
CA LYS B 97 31.05 -0.77 -1.20
C LYS B 97 32.52 -0.30 -1.10
N TRP B 98 33.04 -0.22 0.13
CA TRP B 98 34.43 0.19 0.36
C TRP B 98 35.42 -0.88 -0.08
N LYS B 99 34.93 -2.11 -0.22
CA LYS B 99 35.71 -3.20 -0.79
C LYS B 99 35.42 -3.37 -2.28
N GLY B 100 34.68 -2.45 -2.88
CA GLY B 100 34.39 -2.50 -4.31
C GLY B 100 33.35 -3.53 -4.77
N ILE B 101 32.45 -3.89 -3.86
CA ILE B 101 31.50 -4.96 -4.08
C ILE B 101 30.07 -4.51 -3.79
N GLU B 102 29.17 -4.89 -4.69
CA GLU B 102 27.75 -4.55 -4.61
C GLU B 102 26.94 -5.68 -3.96
N LEU B 103 26.18 -5.33 -2.93
CA LEU B 103 25.21 -6.22 -2.27
C LEU B 103 23.81 -5.87 -2.70
N CYS B 104 23.12 -6.85 -3.29
CA CYS B 104 21.72 -6.73 -3.68
C CYS B 104 20.92 -7.88 -3.08
N GLY B 105 19.59 -7.82 -3.16
CA GLY B 105 18.78 -8.93 -2.74
C GLY B 105 18.45 -9.05 -1.25
N VAL B 106 18.70 -8.03 -0.46
CA VAL B 106 18.37 -8.12 0.95
C VAL B 106 16.87 -8.04 1.12
N SER B 107 16.26 -9.11 1.64
CA SER B 107 14.82 -9.23 1.72
C SER B 107 14.29 -9.13 3.16
N PHE B 108 15.18 -9.23 4.13
CA PHE B 108 14.81 -9.12 5.54
C PHE B 108 15.96 -8.55 6.33
N ASP B 109 15.69 -7.52 7.12
CA ASP B 109 16.71 -6.95 8.01
C ASP B 109 16.17 -7.00 9.44
N LEU B 110 16.73 -7.91 10.23
CA LEU B 110 16.26 -8.14 11.61
C LEU B 110 16.41 -6.91 12.51
N LEU B 111 17.41 -6.05 12.25
CA LEU B 111 17.60 -4.85 13.03
C LEU B 111 16.42 -3.92 12.80
N LEU B 112 16.05 -3.72 11.55
CA LEU B 112 14.92 -2.83 11.25
C LEU B 112 13.59 -3.44 11.70
N ALA B 113 13.45 -4.77 11.59
CA ALA B 113 12.25 -5.44 12.10
C ALA B 113 12.09 -5.22 13.59
N ALA B 114 13.15 -5.42 14.36
CA ALA B 114 13.08 -5.22 15.81
C ALA B 114 12.79 -3.75 16.17
N TYR B 115 13.44 -2.84 15.46
CA TYR B 115 13.22 -1.41 15.65
C TYR B 115 11.76 -1.05 15.49
N LEU B 116 11.16 -1.57 14.44
CA LEU B 116 9.77 -1.24 14.19
C LEU B 116 8.81 -1.85 15.24
N LEU B 117 9.10 -3.06 15.66
CA LEU B 117 8.28 -3.68 16.70
C LEU B 117 8.31 -2.93 18.03
N ASP B 118 9.47 -2.40 18.41
CA ASP B 118 9.61 -1.70 19.68
C ASP B 118 10.95 -1.00 19.75
N PRO B 119 10.94 0.29 19.39
CA PRO B 119 12.22 1.01 19.37
C PRO B 119 12.86 1.15 20.77
N ALA B 120 12.14 0.88 21.84
CA ALA B 120 12.59 1.15 23.20
C ALA B 120 13.49 0.04 23.66
N GLN B 121 13.44 -1.09 22.97
CA GLN B 121 14.33 -2.20 23.31
C GLN B 121 15.81 -1.84 23.10
N GLY B 122 16.09 -0.86 22.25
CA GLY B 122 17.45 -0.42 22.03
C GLY B 122 18.31 -1.47 21.35
N VAL B 123 17.67 -2.32 20.58
CA VAL B 123 18.35 -3.46 19.97
C VAL B 123 19.47 -2.99 19.14
N ASP B 124 20.67 -3.45 19.45
CA ASP B 124 21.76 -3.14 18.55
C ASP B 124 22.67 -4.35 18.36
N ASP B 125 22.16 -5.53 18.72
CA ASP B 125 22.81 -6.73 18.21
C ASP B 125 21.82 -7.86 18.03
N VAL B 126 22.25 -8.89 17.33
CA VAL B 126 21.37 -10.01 17.03
C VAL B 126 20.84 -10.61 18.34
N ALA B 127 21.70 -10.82 19.33
CA ALA B 127 21.26 -11.43 20.58
C ALA B 127 20.08 -10.69 21.19
N ALA B 128 20.11 -9.35 21.17
CA ALA B 128 19.03 -8.57 21.76
C ALA B 128 17.72 -8.78 21.00
N ALA B 129 17.79 -8.82 19.67
CA ALA B 129 16.60 -9.08 18.89
C ALA B 129 16.07 -10.46 19.15
N ALA B 130 16.96 -11.44 19.17
CA ALA B 130 16.59 -12.83 19.36
C ALA B 130 15.85 -13.05 20.67
N LYS B 131 16.28 -12.37 21.72
CA LYS B 131 15.65 -12.47 23.03
C LYS B 131 14.18 -12.04 23.01
N MET B 132 13.79 -11.20 22.03
CA MET B 132 12.40 -10.76 21.87
C MET B 132 11.47 -11.95 21.55
N LYS B 133 12.03 -13.00 20.96
CA LYS B 133 11.28 -14.20 20.63
C LYS B 133 11.87 -15.46 21.30
N GLN B 134 12.36 -15.32 22.53
CA GLN B 134 12.82 -16.44 23.34
C GLN B 134 13.86 -17.32 22.64
N TYR B 135 14.69 -16.67 21.83
CA TYR B 135 15.82 -17.30 21.16
C TYR B 135 17.12 -16.82 21.81
N GLU B 136 17.86 -17.76 22.41
CA GLU B 136 19.06 -17.40 23.20
C GLU B 136 20.29 -18.19 22.81
N ALA B 137 20.25 -18.84 21.65
CA ALA B 137 21.37 -19.67 21.22
C ALA B 137 22.39 -18.85 20.40
N VAL B 138 22.70 -17.69 20.95
CA VAL B 138 23.63 -16.73 20.31
C VAL B 138 24.13 -15.80 21.41
N ARG B 139 25.38 -15.39 21.36
CA ARG B 139 25.93 -14.48 22.35
C ARG B 139 25.79 -13.04 21.92
N PRO B 140 25.77 -12.13 22.90
CA PRO B 140 25.86 -10.72 22.54
C PRO B 140 27.23 -10.39 21.96
N ASP B 141 27.25 -9.45 21.01
CA ASP B 141 28.50 -9.04 20.38
C ASP B 141 29.52 -8.60 21.41
N GLU B 142 29.13 -7.85 22.42
CA GLU B 142 30.10 -7.33 23.41
C GLU B 142 30.75 -8.46 24.20
N ALA B 143 30.01 -9.56 24.37
CA ALA B 143 30.52 -10.73 25.09
C ALA B 143 31.66 -11.37 24.32
N VAL B 144 31.54 -11.35 23.00
CA VAL B 144 32.51 -12.01 22.13
C VAL B 144 33.71 -11.10 21.86
N TYR B 145 33.45 -9.83 21.60
CA TYR B 145 34.52 -8.88 21.23
C TYR B 145 35.16 -8.09 22.37
N GLY B 146 34.48 -8.00 23.52
CA GLY B 146 35.01 -7.27 24.66
C GLY B 146 34.72 -5.79 24.49
N LYS B 147 35.19 -4.96 25.41
CA LYS B 147 34.84 -3.56 25.31
C LYS B 147 36.05 -2.66 25.52
N GLY B 148 35.92 -1.46 24.98
CA GLY B 148 36.94 -0.44 25.12
C GLY B 148 38.29 -0.91 24.63
N ALA B 149 39.32 -0.65 25.42
CA ALA B 149 40.69 -0.98 25.07
C ALA B 149 40.91 -2.49 24.94
N LYS B 150 39.94 -3.30 25.39
CA LYS B 150 40.11 -4.75 25.36
C LYS B 150 39.39 -5.35 24.19
N ARG B 151 38.77 -4.52 23.35
CA ARG B 151 38.02 -4.99 22.21
C ARG B 151 38.96 -5.64 21.21
N ALA B 152 38.56 -6.79 20.70
CA ALA B 152 39.43 -7.57 19.83
C ALA B 152 38.63 -8.65 19.11
N VAL B 153 39.05 -8.96 17.90
CA VAL B 153 38.52 -10.11 17.20
C VAL B 153 39.12 -11.38 17.80
N PRO B 154 38.29 -12.35 18.18
CA PRO B 154 38.79 -13.57 18.80
C PRO B 154 39.40 -14.55 17.81
N ASP B 155 39.96 -15.62 18.36
CA ASP B 155 40.58 -16.70 17.59
C ASP B 155 39.53 -17.21 16.61
N GLU B 156 39.97 -17.66 15.44
CA GLU B 156 39.05 -17.98 14.36
C GLU B 156 37.89 -18.93 14.77
N PRO B 157 38.16 -20.02 15.49
CA PRO B 157 37.04 -20.92 15.80
C PRO B 157 35.92 -20.22 16.60
N VAL B 158 36.30 -19.28 17.46
CA VAL B 158 35.36 -18.54 18.29
C VAL B 158 34.60 -17.52 17.45
N LEU B 159 35.32 -16.78 16.62
CA LEU B 159 34.72 -15.89 15.67
C LEU B 159 33.72 -16.62 14.77
N ALA B 160 34.17 -17.74 14.22
CA ALA B 160 33.38 -18.47 13.24
C ALA B 160 32.08 -18.95 13.89
N GLU B 161 32.16 -19.54 15.08
CA GLU B 161 30.94 -20.00 15.76
C GLU B 161 29.97 -18.84 15.99
N HIS B 162 30.47 -17.69 16.43
CA HIS B 162 29.64 -16.53 16.66
C HIS B 162 28.93 -16.10 15.41
N LEU B 163 29.64 -15.96 14.30
CA LEU B 163 29.00 -15.50 13.08
C LEU B 163 27.98 -16.50 12.58
N VAL B 164 28.29 -17.79 12.68
CA VAL B 164 27.34 -18.82 12.27
C VAL B 164 26.10 -18.76 13.21
N ARG B 165 26.30 -18.62 14.53
CA ARG B 165 25.14 -18.51 15.43
C ARG B 165 24.27 -17.29 15.14
N LYS B 166 24.90 -16.17 14.76
CA LYS B 166 24.13 -14.98 14.38
C LYS B 166 23.33 -15.27 13.13
N ALA B 167 23.94 -15.93 12.15
CA ALA B 167 23.25 -16.26 10.91
C ALA B 167 22.08 -17.22 11.16
N ALA B 168 22.32 -18.22 11.99
CA ALA B 168 21.30 -19.23 12.33
C ALA B 168 20.12 -18.56 13.01
N ALA B 169 20.40 -17.57 13.86
CA ALA B 169 19.35 -16.82 14.58
C ALA B 169 18.52 -16.06 13.57
N ILE B 170 19.18 -15.33 12.68
CA ILE B 170 18.48 -14.61 11.66
C ILE B 170 17.57 -15.54 10.82
N TRP B 171 18.10 -16.69 10.45
CA TRP B 171 17.37 -17.70 9.67
C TRP B 171 16.08 -18.09 10.36
N GLU B 172 16.16 -18.36 11.66
CA GLU B 172 15.03 -18.81 12.46
C GLU B 172 14.03 -17.71 12.77
N LEU B 173 14.52 -16.49 12.91
CA LEU B 173 13.74 -15.41 13.48
C LEU B 173 12.91 -14.61 12.46
N GLU B 174 13.23 -14.71 11.17
CA GLU B 174 12.52 -13.98 10.14
C GLU B 174 11.03 -14.22 10.25
N ARG B 175 10.60 -15.49 10.30
CA ARG B 175 9.16 -15.76 10.33
C ARG B 175 8.42 -15.18 11.54
N PRO B 176 8.88 -15.44 12.77
CA PRO B 176 8.18 -14.84 13.91
C PRO B 176 8.16 -13.31 13.91
N PHE B 177 9.26 -12.68 13.45
CA PHE B 177 9.27 -11.24 13.33
C PHE B 177 8.27 -10.73 12.30
N LEU B 178 8.24 -11.36 11.12
CA LEU B 178 7.30 -10.94 10.10
C LEU B 178 5.87 -11.17 10.56
N ASP B 179 5.62 -12.23 11.33
CA ASP B 179 4.26 -12.50 11.82
C ASP B 179 3.78 -11.37 12.71
N GLU B 180 4.64 -10.92 13.64
CA GLU B 180 4.23 -9.85 14.52
C GLU B 180 4.13 -8.52 13.78
N LEU B 181 5.04 -8.27 12.86
CA LEU B 181 4.88 -7.05 12.05
C LEU B 181 3.55 -7.01 11.32
N ARG B 182 3.18 -8.14 10.75
CA ARG B 182 1.89 -8.23 10.06
C ARG B 182 0.74 -7.92 11.01
N ARG B 183 0.78 -8.47 12.21
CA ARG B 183 -0.29 -8.21 13.18
C ARG B 183 -0.39 -6.74 13.53
N ASN B 184 0.77 -6.08 13.57
CA ASN B 184 0.85 -4.66 13.90
C ASN B 184 0.59 -3.71 12.68
N GLU B 185 0.32 -4.27 11.52
CA GLU B 185 0.18 -3.51 10.29
C GLU B 185 1.47 -2.79 9.93
N GLN B 186 2.61 -3.45 10.20
CA GLN B 186 3.93 -2.91 9.96
C GLN B 186 4.72 -3.71 8.94
N ASP B 187 4.14 -4.75 8.33
CA ASP B 187 4.98 -5.54 7.42
C ASP B 187 5.35 -4.75 6.16
N ARG B 188 4.47 -3.90 5.65
CA ARG B 188 4.79 -3.06 4.51
C ARG B 188 5.75 -1.92 4.92
N LEU B 189 5.58 -1.39 6.12
CA LEU B 189 6.48 -0.41 6.67
C LEU B 189 7.91 -0.93 6.65
N LEU B 190 8.12 -2.21 6.99
CA LEU B 190 9.44 -2.81 6.86
C LEU B 190 9.87 -2.99 5.40
N VAL B 191 9.08 -3.73 4.63
CA VAL B 191 9.51 -4.17 3.30
C VAL B 191 9.46 -3.13 2.20
N GLU B 192 8.52 -2.20 2.28
CA GLU B 192 8.34 -1.19 1.26
C GLU B 192 8.88 0.18 1.66
N LEU B 193 9.19 0.38 2.94
CA LEU B 193 9.73 1.68 3.36
C LEU B 193 11.11 1.55 4.00
N GLU B 194 11.25 0.92 5.15
CA GLU B 194 12.57 0.93 5.82
C GLU B 194 13.65 0.20 5.04
N GLN B 195 13.35 -1.01 4.54
CA GLN B 195 14.37 -1.75 3.77
C GLN B 195 14.84 -1.02 2.54
N PRO B 196 13.93 -0.51 1.70
CA PRO B 196 14.42 0.27 0.56
C PRO B 196 15.16 1.52 0.96
N LEU B 197 14.74 2.17 2.04
CA LEU B 197 15.46 3.32 2.53
C LEU B 197 16.87 2.97 2.97
N SER B 198 17.08 1.83 3.58
CA SER B 198 18.38 1.41 4.04
CA SER B 198 18.42 1.47 4.04
C SER B 198 19.38 1.43 2.85
N SER B 199 18.93 0.92 1.69
CA SER B 199 19.80 0.90 0.53
C SER B 199 20.14 2.30 0.04
N ILE B 200 19.19 3.21 0.10
CA ILE B 200 19.37 4.59 -0.29
C ILE B 200 20.36 5.28 0.67
N LEU B 201 20.15 5.11 1.95
CA LEU B 201 21.08 5.61 2.94
C LEU B 201 22.50 5.12 2.70
N ALA B 202 22.65 3.83 2.35
CA ALA B 202 23.97 3.25 2.12
C ALA B 202 24.64 4.02 0.96
N GLU B 203 23.87 4.32 -0.10
CA GLU B 203 24.40 5.08 -1.22
C GLU B 203 24.85 6.46 -0.76
N MET B 204 24.04 7.12 0.04
CA MET B 204 24.31 8.50 0.48
C MET B 204 25.57 8.50 1.32
N GLU B 205 25.65 7.56 2.25
CA GLU B 205 26.79 7.48 3.17
C GLU B 205 28.10 7.27 2.40
N PHE B 206 28.08 6.30 1.49
CA PHE B 206 29.26 5.97 0.69
C PHE B 206 29.68 7.13 -0.24
N ALA B 207 28.70 7.82 -0.82
CA ALA B 207 29.00 9.01 -1.67
C ALA B 207 29.78 10.05 -0.89
N GLY B 208 29.30 10.30 0.32
CA GLY B 208 29.85 11.35 1.14
C GLY B 208 29.59 12.74 0.60
N VAL B 209 30.08 13.73 1.35
CA VAL B 209 29.98 15.13 0.98
C VAL B 209 31.37 15.73 0.92
N LYS B 210 31.68 16.43 -0.17
CA LYS B 210 32.97 17.07 -0.32
C LYS B 210 33.08 18.34 0.49
N VAL B 211 34.28 18.53 1.04
CA VAL B 211 34.58 19.65 1.92
C VAL B 211 35.73 20.45 1.35
N ASP B 212 35.56 21.75 1.35
CA ASP B 212 36.62 22.68 0.96
C ASP B 212 37.49 22.94 2.19
N THR B 213 38.57 22.17 2.33
CA THR B 213 39.39 22.25 3.55
C THR B 213 40.22 23.51 3.59
N LYS B 214 40.60 24.04 2.42
CA LYS B 214 41.35 25.29 2.38
C LYS B 214 40.48 26.37 2.99
N ARG B 215 39.19 26.37 2.63
CA ARG B 215 38.26 27.39 3.14
C ARG B 215 37.95 27.20 4.61
N LEU B 216 37.74 25.96 5.00
CA LEU B 216 37.51 25.64 6.38
C LEU B 216 38.71 26.01 7.26
N GLU B 217 39.93 25.72 6.81
CA GLU B 217 41.11 25.98 7.62
C GLU B 217 41.30 27.49 7.75
N GLN B 218 40.97 28.24 6.71
CA GLN B 218 41.12 29.69 6.77
C GLN B 218 40.09 30.28 7.71
N MET B 219 38.87 29.75 7.63
CA MET B 219 37.79 30.14 8.56
C MET B 219 38.23 29.86 9.99
N GLY B 220 38.87 28.71 10.22
CA GLY B 220 39.40 28.40 11.54
C GLY B 220 40.49 29.34 12.04
N LYS B 221 41.41 29.73 11.18
CA LYS B 221 42.49 30.59 11.59
C LYS B 221 41.93 31.94 12.05
N GLU B 222 40.96 32.45 11.31
CA GLU B 222 40.30 33.71 11.64
C GLU B 222 39.44 33.63 12.89
N LEU B 223 38.70 32.53 13.03
CA LEU B 223 37.90 32.27 14.21
C LEU B 223 38.78 32.30 15.47
N ALA B 224 39.98 31.74 15.41
CA ALA B 224 40.83 31.64 16.59
C ALA B 224 41.20 33.04 17.05
N GLU B 225 41.45 33.91 16.09
CA GLU B 225 41.83 35.28 16.41
C GLU B 225 40.64 36.01 17.02
N GLN B 226 39.46 35.81 16.47
CA GLN B 226 38.26 36.46 17.02
C GLN B 226 37.93 35.96 18.44
N LEU B 227 38.03 34.65 18.61
CA LEU B 227 37.87 34.00 19.92
C LEU B 227 38.76 34.66 20.97
N GLY B 228 40.05 34.82 20.64
CA GLY B 228 40.98 35.48 21.55
C GLY B 228 40.54 36.86 21.97
N THR B 229 39.95 37.61 21.04
CA THR B 229 39.55 38.98 21.29
C THR B 229 38.42 39.00 22.30
N VAL B 230 37.38 38.20 22.04
CA VAL B 230 36.21 38.11 22.92
C VAL B 230 36.64 37.59 24.29
N GLU B 231 37.50 36.58 24.31
CA GLU B 231 38.04 36.03 25.55
C GLU B 231 38.64 37.13 26.43
N GLN B 232 39.56 37.93 25.87
CA GLN B 232 40.24 38.95 26.64
C GLN B 232 39.25 40.00 27.13
N ARG B 233 38.21 40.26 26.34
CA ARG B 233 37.22 41.25 26.70
C ARG B 233 36.41 40.75 27.91
N ILE B 234 36.12 39.45 27.93
CA ILE B 234 35.44 38.85 29.06
C ILE B 234 36.28 38.93 30.33
N TYR B 235 37.58 38.67 30.22
CA TYR B 235 38.45 38.76 31.39
C TYR B 235 38.50 40.17 31.92
N GLU B 236 38.47 41.15 31.02
CA GLU B 236 38.50 42.55 31.43
C GLU B 236 37.23 42.89 32.19
N LEU B 237 36.10 42.42 31.67
CA LEU B 237 34.82 42.71 32.29
C LEU B 237 34.68 41.99 33.63
N ALA B 238 35.30 40.82 33.74
CA ALA B 238 35.22 40.00 34.95
C ALA B 238 36.23 40.46 36.00
N GLY B 239 37.28 41.11 35.54
CA GLY B 239 38.36 41.56 36.43
C GLY B 239 39.34 40.44 36.74
N GLN B 240 39.31 39.37 35.95
CA GLN B 240 39.96 38.14 36.35
C GLN B 240 39.96 37.19 35.16
N GLU B 241 41.03 36.42 34.96
CA GLU B 241 41.00 35.31 34.02
C GLU B 241 40.39 34.07 34.68
N PHE B 242 39.63 33.31 33.89
CA PHE B 242 39.01 32.07 34.32
C PHE B 242 38.65 31.27 33.07
N ASN B 243 38.24 30.01 33.27
CA ASN B 243 37.88 29.17 32.16
C ASN B 243 36.41 29.37 31.88
N ILE B 244 36.15 30.07 30.77
CA ILE B 244 34.79 30.42 30.39
C ILE B 244 34.00 29.19 30.05
N ASN B 245 34.70 28.12 29.66
CA ASN B 245 34.05 26.90 29.22
C ASN B 245 33.75 25.98 30.37
N SER B 246 33.94 26.48 31.58
CA SER B 246 33.59 25.72 32.76
C SER B 246 32.40 26.35 33.46
N PRO B 247 31.20 25.75 33.31
CA PRO B 247 30.05 26.38 33.98
C PRO B 247 30.31 26.60 35.47
N LYS B 248 31.08 25.71 36.06
CA LYS B 248 31.45 25.84 37.47
C LYS B 248 32.24 27.12 37.78
N GLN B 249 33.36 27.33 37.10
CA GLN B 249 34.13 28.56 37.28
C GLN B 249 33.33 29.79 36.88
N LEU B 250 32.58 29.68 35.79
CA LEU B 250 31.72 30.78 35.31
C LEU B 250 30.69 31.17 36.38
N GLY B 251 30.06 30.19 37.00
CA GLY B 251 29.07 30.43 38.03
C GLY B 251 29.65 31.23 39.18
N VAL B 252 30.87 30.89 39.58
CA VAL B 252 31.54 31.62 40.65
C VAL B 252 31.74 33.08 40.26
N ILE B 253 32.20 33.31 39.03
CA ILE B 253 32.37 34.68 38.56
C ILE B 253 31.05 35.44 38.55
N LEU B 254 30.04 34.86 37.91
CA LEU B 254 28.77 35.57 37.73
C LEU B 254 28.01 35.82 39.04
N PHE B 255 27.93 34.79 39.88
CA PHE B 255 26.98 34.81 41.00
C PHE B 255 27.64 35.00 42.32
N GLU B 256 28.96 34.85 42.37
CA GLU B 256 29.71 35.16 43.59
C GLU B 256 30.52 36.44 43.41
N LYS B 257 31.46 36.47 42.46
CA LYS B 257 32.29 37.66 42.31
C LYS B 257 31.44 38.86 41.87
N LEU B 258 30.62 38.65 40.84
CA LEU B 258 29.84 39.76 40.30
C LEU B 258 28.48 39.93 40.95
N GLN B 259 28.08 38.96 41.77
CA GLN B 259 26.85 39.04 42.55
C GLN B 259 25.57 39.27 41.71
N LEU B 260 25.52 38.67 40.54
CA LEU B 260 24.29 38.73 39.76
C LEU B 260 23.23 37.81 40.35
N PRO B 261 21.95 38.07 40.05
CA PRO B 261 20.91 37.23 40.64
C PRO B 261 20.99 35.78 40.14
N VAL B 262 20.66 34.83 41.02
CA VAL B 262 20.64 33.42 40.68
C VAL B 262 19.20 33.07 40.30
N LEU B 263 18.99 32.79 39.02
CA LEU B 263 17.64 32.60 38.52
C LEU B 263 17.29 31.12 38.46
N LYS B 264 18.31 30.26 38.50
CA LYS B 264 18.07 28.83 38.34
C LYS B 264 19.27 28.06 38.84
N LYS B 265 19.03 26.96 39.53
CA LYS B 265 20.09 26.03 39.92
C LYS B 265 19.84 24.66 39.30
N THR B 266 20.91 23.91 39.06
CA THR B 266 20.82 22.49 38.71
C THR B 266 21.42 21.67 39.85
N LYS B 267 21.41 20.35 39.72
CA LYS B 267 21.92 19.49 40.81
C LYS B 267 23.40 19.74 41.08
N THR B 268 24.14 20.24 40.10
CA THR B 268 25.56 20.45 40.32
C THR B 268 25.93 21.87 40.78
N GLY B 269 25.05 22.84 40.57
CA GLY B 269 25.36 24.21 40.96
C GLY B 269 24.48 25.23 40.26
N TYR B 270 25.03 26.42 40.05
CA TYR B 270 24.28 27.51 39.43
C TYR B 270 24.13 27.21 37.96
N SER B 271 22.95 27.46 37.41
CA SER B 271 22.77 27.36 35.98
C SER B 271 23.43 28.53 35.28
N THR B 272 24.10 28.23 34.15
CA THR B 272 24.57 29.30 33.26
C THR B 272 24.02 29.06 31.87
N SER B 273 22.83 28.50 31.78
CA SER B 273 22.28 28.18 30.48
C SER B 273 22.07 29.46 29.69
N ALA B 274 22.00 29.34 28.37
CA ALA B 274 21.78 30.49 27.50
C ALA B 274 20.52 31.26 27.87
N ASP B 275 19.46 30.56 28.24
CA ASP B 275 18.22 31.23 28.70
C ASP B 275 18.44 32.09 29.95
N VAL B 276 19.13 31.54 30.93
CA VAL B 276 19.47 32.29 32.13
C VAL B 276 20.34 33.51 31.78
N LEU B 277 21.37 33.34 30.96
CA LEU B 277 22.28 34.47 30.73
C LEU B 277 21.57 35.56 29.95
N GLU B 278 20.70 35.17 29.03
CA GLU B 278 19.97 36.18 28.26
C GLU B 278 19.17 37.08 29.18
N LYS B 279 18.57 36.47 30.20
CA LYS B 279 17.82 37.23 31.18
C LYS B 279 18.67 38.17 32.05
N LEU B 280 19.97 37.94 32.11
CA LEU B 280 20.82 38.74 32.97
C LEU B 280 21.44 39.95 32.26
N ALA B 281 21.25 40.10 30.96
CA ALA B 281 21.86 41.22 30.22
C ALA B 281 21.56 42.64 30.77
N PRO B 282 20.40 42.85 31.41
CA PRO B 282 20.15 44.18 31.99
C PRO B 282 21.06 44.46 33.17
N TYR B 283 21.69 43.42 33.70
CA TYR B 283 22.52 43.56 34.90
C TYR B 283 24.01 43.75 34.59
N HIS B 284 24.51 43.16 33.51
CA HIS B 284 25.95 43.26 33.25
C HIS B 284 26.25 42.91 31.81
N GLU B 285 27.07 43.75 31.17
CA GLU B 285 27.53 43.56 29.80
C GLU B 285 28.16 42.19 29.52
N ILE B 286 28.70 41.55 30.55
CA ILE B 286 29.58 40.39 30.34
C ILE B 286 28.79 39.17 29.86
N VAL B 287 27.52 39.09 30.21
CA VAL B 287 26.79 37.86 29.90
C VAL B 287 26.58 37.73 28.40
N GLU B 288 26.38 38.83 27.69
CA GLU B 288 26.23 38.72 26.23
C GLU B 288 27.54 38.30 25.58
N ASN B 289 28.65 38.82 26.09
CA ASN B 289 29.96 38.41 25.57
C ASN B 289 30.21 36.93 25.80
N ILE B 290 29.78 36.44 26.95
CA ILE B 290 29.98 35.04 27.27
C ILE B 290 29.15 34.17 26.33
N LEU B 291 27.93 34.58 26.05
CA LEU B 291 27.10 33.85 25.13
C LEU B 291 27.77 33.76 23.77
N HIS B 292 28.35 34.87 23.34
CA HIS B 292 28.96 34.93 22.03
C HIS B 292 30.22 34.06 22.01
N TYR B 293 31.03 34.16 23.05
CA TYR B 293 32.20 33.32 23.15
C TYR B 293 31.89 31.83 23.04
N ARG B 294 30.85 31.41 23.76
CA ARG B 294 30.45 29.99 23.75
C ARG B 294 29.90 29.52 22.40
N GLN B 295 29.25 30.40 21.66
CA GLN B 295 28.94 30.13 20.25
C GLN B 295 30.18 29.95 19.42
N LEU B 296 31.09 30.90 19.50
CA LEU B 296 32.29 30.84 18.66
C LEU B 296 33.13 29.63 19.01
N GLY B 297 33.20 29.27 20.29
CA GLY B 297 34.00 28.14 20.74
C GLY B 297 33.45 26.81 20.25
N LYS B 298 32.12 26.70 20.18
CA LYS B 298 31.51 25.51 19.62
C LYS B 298 31.73 25.44 18.11
N LEU B 299 31.65 26.57 17.43
CA LEU B 299 31.97 26.59 15.99
C LEU B 299 33.39 26.05 15.80
N GLN B 300 34.36 26.58 16.54
CA GLN B 300 35.73 26.11 16.41
C GLN B 300 35.91 24.63 16.77
N SER B 301 35.39 24.19 17.92
CA SER B 301 35.67 22.84 18.40
C SER B 301 35.01 21.76 17.53
N THR B 302 33.82 22.08 17.05
CA THR B 302 32.96 21.07 16.46
C THR B 302 32.90 21.18 14.96
N TYR B 303 32.65 22.37 14.45
CA TYR B 303 32.40 22.51 13.02
C TYR B 303 33.65 22.87 12.21
N ILE B 304 34.75 23.24 12.87
CA ILE B 304 36.01 23.42 12.19
C ILE B 304 36.95 22.29 12.56
N GLU B 305 37.35 22.23 13.82
CA GLU B 305 38.32 21.19 14.24
C GLU B 305 37.75 19.79 14.09
N GLY B 306 36.57 19.57 14.64
CA GLY B 306 35.93 18.27 14.62
C GLY B 306 35.65 17.79 13.21
N LEU B 307 35.22 18.68 12.33
CA LEU B 307 34.96 18.33 10.98
C LEU B 307 36.25 17.95 10.28
N LEU B 308 37.33 18.74 10.42
CA LEU B 308 38.58 18.44 9.72
C LEU B 308 39.11 17.08 10.14
N LYS B 309 38.86 16.69 11.39
CA LYS B 309 39.34 15.41 11.89
C LYS B 309 38.75 14.22 11.16
N VAL B 310 37.56 14.37 10.60
CA VAL B 310 36.88 13.24 9.94
C VAL B 310 36.85 13.36 8.43
N VAL B 311 37.48 14.39 7.88
CA VAL B 311 37.65 14.46 6.45
C VAL B 311 38.65 13.41 5.98
N ARG B 312 38.29 12.67 4.96
CA ARG B 312 39.18 11.71 4.37
CA ARG B 312 39.17 11.70 4.32
C ARG B 312 40.12 12.48 3.44
N PRO B 313 41.43 12.46 3.76
CA PRO B 313 42.31 13.43 3.11
C PRO B 313 42.44 13.31 1.59
N ALA B 314 42.40 12.12 1.02
CA ALA B 314 42.68 11.96 -0.39
C ALA B 314 41.50 12.38 -1.27
N THR B 315 40.30 12.38 -0.69
CA THR B 315 39.14 12.74 -1.49
C THR B 315 38.47 13.99 -0.97
N LYS B 316 38.90 14.47 0.19
CA LYS B 316 38.24 15.57 0.88
C LYS B 316 36.75 15.40 1.19
N LYS B 317 36.32 14.16 1.39
CA LYS B 317 34.94 13.86 1.72
C LYS B 317 34.78 13.48 3.18
N VAL B 318 33.61 13.82 3.71
CA VAL B 318 33.12 13.30 4.97
CA VAL B 318 33.15 13.29 4.97
C VAL B 318 31.98 12.34 4.72
N HIS B 319 32.00 11.23 5.45
CA HIS B 319 31.02 10.14 5.31
C HIS B 319 30.34 9.89 6.66
N THR B 320 29.18 10.50 6.82
CA THR B 320 28.37 10.29 8.01
C THR B 320 27.78 8.89 8.03
N ILE B 321 27.25 8.50 9.19
CA ILE B 321 26.45 7.30 9.28
C ILE B 321 25.07 7.74 9.75
N PHE B 322 24.06 7.44 8.96
CA PHE B 322 22.66 7.69 9.32
C PHE B 322 22.16 6.47 10.08
N ASN B 323 22.05 6.61 11.39
CA ASN B 323 21.49 5.55 12.24
CA ASN B 323 21.48 5.60 12.25
C ASN B 323 19.98 5.51 12.03
N GLN B 324 19.53 4.40 11.48
CA GLN B 324 18.16 4.22 11.08
C GLN B 324 17.31 3.49 12.13
N ALA B 325 17.95 2.97 13.15
CA ALA B 325 17.30 2.17 14.19
C ALA B 325 17.62 2.64 15.63
N LEU B 326 17.56 3.95 15.85
CA LEU B 326 17.95 4.56 17.11
C LEU B 326 16.83 5.41 17.72
N THR B 327 16.26 6.38 16.98
CA THR B 327 15.36 7.31 17.63
C THR B 327 14.03 6.65 17.97
N GLN B 328 13.42 7.18 19.02
CA GLN B 328 12.18 6.62 19.50
C GLN B 328 10.96 6.97 18.65
N THR B 329 11.09 7.94 17.74
CA THR B 329 10.00 8.42 16.92
C THR B 329 10.04 8.04 15.47
N GLY B 330 11.11 7.41 15.00
CA GLY B 330 11.21 7.08 13.60
C GLY B 330 12.11 7.99 12.79
N ARG B 331 12.60 9.06 13.39
CA ARG B 331 13.60 9.87 12.72
C ARG B 331 14.91 9.06 12.55
N LEU B 332 15.75 9.56 11.66
CA LEU B 332 17.16 9.20 11.56
C LEU B 332 17.94 9.99 12.58
N SER B 333 19.14 9.52 12.92
CA SER B 333 20.15 10.40 13.47
C SER B 333 21.41 10.29 12.61
N SER B 334 22.34 11.19 12.85
CA SER B 334 23.55 11.28 12.02
C SER B 334 24.75 11.42 12.95
N THR B 335 25.79 10.60 12.74
CA THR B 335 26.96 10.57 13.59
C THR B 335 28.29 10.50 12.83
N GLU B 336 29.31 11.08 13.48
CA GLU B 336 30.73 10.96 13.09
C GLU B 336 31.02 11.27 11.64
N PRO B 337 30.75 12.50 11.20
CA PRO B 337 30.15 13.60 11.97
C PRO B 337 28.64 13.68 11.85
N ASN B 338 28.04 14.44 12.75
CA ASN B 338 26.61 14.75 12.61
C ASN B 338 26.47 15.88 11.59
N LEU B 339 25.84 15.54 10.46
CA LEU B 339 25.60 16.49 9.40
C LEU B 339 24.16 16.99 9.42
N GLN B 340 23.44 16.66 10.51
CA GLN B 340 22.07 17.16 10.74
C GLN B 340 22.01 18.32 11.72
N ASN B 341 23.15 18.82 12.18
CA ASN B 341 23.14 19.98 13.05
C ASN B 341 24.18 21.05 12.69
N ILE B 342 24.41 21.21 11.39
CA ILE B 342 25.35 22.22 10.91
C ILE B 342 24.66 23.56 11.07
N PRO B 343 25.39 24.55 11.58
CA PRO B 343 24.80 25.87 11.86
C PRO B 343 24.05 26.54 10.67
N ILE B 344 22.92 27.19 11.00
CA ILE B 344 22.13 27.94 10.01
C ILE B 344 21.51 29.21 10.60
N ARG B 345 21.28 29.24 11.91
CA ARG B 345 20.39 30.31 12.42
C ARG B 345 21.06 31.67 12.57
N LEU B 346 22.35 31.73 12.87
CA LEU B 346 23.11 32.97 12.90
C LEU B 346 24.06 32.97 11.72
N GLU B 347 24.20 34.12 11.08
CA GLU B 347 25.04 34.21 9.89
C GLU B 347 26.48 33.78 10.19
N GLU B 348 26.96 34.11 11.37
CA GLU B 348 28.31 33.74 11.79
C GLU B 348 28.53 32.23 11.66
N GLY B 349 27.56 31.44 12.08
CA GLY B 349 27.69 30.00 12.03
C GLY B 349 27.37 29.49 10.64
N ARG B 350 26.39 30.10 10.01
CA ARG B 350 25.87 29.65 8.73
C ARG B 350 27.01 29.61 7.70
N LYS B 351 27.98 30.51 7.82
CA LYS B 351 29.13 30.51 6.90
C LYS B 351 29.88 29.16 6.82
N ILE B 352 29.80 28.34 7.86
CA ILE B 352 30.42 27.01 7.81
C ILE B 352 29.93 26.27 6.57
N ARG B 353 28.69 26.52 6.17
CA ARG B 353 28.11 25.79 5.04
C ARG B 353 28.81 26.12 3.71
N GLN B 354 29.59 27.19 3.69
CA GLN B 354 30.40 27.50 2.50
C GLN B 354 31.46 26.42 2.26
N ALA B 355 31.82 25.68 3.29
CA ALA B 355 32.83 24.62 3.18
C ALA B 355 32.27 23.29 2.58
N PHE B 356 30.96 23.17 2.42
CA PHE B 356 30.33 21.98 1.84
C PHE B 356 30.04 22.23 0.39
N VAL B 357 30.76 21.51 -0.49
CA VAL B 357 30.78 21.82 -1.91
C VAL B 357 30.38 20.59 -2.71
N PRO B 358 30.03 20.80 -4.00
CA PRO B 358 29.78 19.62 -4.84
C PRO B 358 31.02 18.78 -5.09
N SER B 359 30.77 17.51 -5.40
CA SER B 359 31.86 16.53 -5.48
C SER B 359 32.54 16.54 -6.83
N GLU B 360 31.94 17.24 -7.80
CA GLU B 360 32.50 17.34 -9.15
C GLU B 360 32.43 18.77 -9.64
N SER B 361 33.31 19.13 -10.58
CA SER B 361 33.28 20.42 -11.19
C SER B 361 31.97 20.55 -11.96
N ASP B 362 31.46 21.76 -11.91
CA ASP B 362 30.27 22.05 -12.69
C ASP B 362 29.01 21.31 -12.19
N TRP B 363 29.08 20.75 -10.99
CA TRP B 363 27.88 20.35 -10.27
C TRP B 363 27.51 21.42 -9.24
N LEU B 364 26.27 21.35 -8.74
CA LEU B 364 25.74 22.29 -7.76
C LEU B 364 25.00 21.52 -6.66
N ILE B 365 24.80 22.16 -5.53
CA ILE B 365 24.04 21.62 -4.42
C ILE B 365 22.59 22.10 -4.56
N PHE B 366 21.62 21.19 -4.37
CA PHE B 366 20.19 21.49 -4.43
C PHE B 366 19.60 21.09 -3.09
N ALA B 367 18.91 22.02 -2.40
CA ALA B 367 18.32 21.73 -1.09
C ALA B 367 16.79 21.99 -1.15
N ALA B 368 16.01 21.04 -0.67
CA ALA B 368 14.55 21.21 -0.62
C ALA B 368 14.06 20.87 0.76
N ASP B 369 13.19 21.71 1.31
CA ASP B 369 12.63 21.46 2.65
C ASP B 369 11.13 21.58 2.68
N TYR B 370 10.49 20.72 3.47
CA TYR B 370 9.10 20.91 3.75
C TYR B 370 8.89 22.09 4.65
N SER B 371 7.89 22.89 4.31
CA SER B 371 7.49 24.01 5.13
C SER B 371 6.41 23.59 6.13
N GLN B 372 6.68 23.80 7.41
CA GLN B 372 5.74 23.48 8.50
C GLN B 372 5.11 22.12 8.44
N ILE B 373 5.89 21.10 8.08
CA ILE B 373 5.31 19.79 7.89
C ILE B 373 4.61 19.25 9.15
N GLU B 374 5.17 19.42 10.34
CA GLU B 374 4.52 18.92 11.53
C GLU B 374 3.18 19.56 11.76
N LEU B 375 3.06 20.88 11.55
CA LEU B 375 1.79 21.56 11.71
C LEU B 375 0.76 21.13 10.69
N ARG B 376 1.21 20.87 9.46
CA ARG B 376 0.29 20.36 8.41
C ARG B 376 -0.16 18.96 8.74
N VAL B 377 0.76 18.09 9.20
CA VAL B 377 0.42 16.75 9.62
C VAL B 377 -0.58 16.79 10.78
N LEU B 378 -0.31 17.65 11.75
CA LEU B 378 -1.22 17.85 12.89
C LEU B 378 -2.61 18.27 12.40
N ALA B 379 -2.67 19.23 11.48
CA ALA B 379 -3.96 19.66 10.97
C ALA B 379 -4.75 18.46 10.41
N HIS B 380 -4.08 17.62 9.64
CA HIS B 380 -4.66 16.42 9.03
C HIS B 380 -5.16 15.42 10.09
N ILE B 381 -4.28 15.06 11.02
CA ILE B 381 -4.59 14.06 12.01
C ILE B 381 -5.69 14.53 12.97
N ALA B 382 -5.56 15.77 13.45
CA ALA B 382 -6.54 16.32 14.37
C ALA B 382 -7.84 16.71 13.67
N GLU B 383 -7.81 16.90 12.36
CA GLU B 383 -8.96 17.42 11.61
C GLU B 383 -9.50 18.69 12.23
N ASP B 384 -8.59 19.60 12.51
CA ASP B 384 -8.96 20.85 13.11
C ASP B 384 -9.38 21.78 11.95
N ASP B 385 -10.64 22.19 11.95
CA ASP B 385 -11.15 22.93 10.81
C ASP B 385 -10.39 24.22 10.52
N ASN B 386 -10.09 24.99 11.56
CA ASN B 386 -9.39 26.24 11.37
C ASN B 386 -7.94 26.05 10.92
N LEU B 387 -7.25 25.05 11.48
CA LEU B 387 -5.87 24.79 11.10
C LEU B 387 -5.78 24.26 9.67
N MET B 388 -6.72 23.40 9.29
CA MET B 388 -6.75 22.93 7.91
C MET B 388 -7.03 24.08 6.97
N GLU B 389 -7.99 24.94 7.30
CA GLU B 389 -8.27 26.12 6.48
C GLU B 389 -7.02 26.97 6.37
N ALA B 390 -6.32 27.21 7.47
CA ALA B 390 -5.07 27.99 7.39
C ALA B 390 -4.08 27.44 6.38
N PHE B 391 -3.84 26.12 6.39
CA PHE B 391 -2.88 25.55 5.45
C PHE B 391 -3.46 25.45 4.05
N ARG B 392 -4.78 25.29 3.90
CA ARG B 392 -5.36 25.41 2.55
C ARG B 392 -5.18 26.77 1.95
N ARG B 393 -5.08 27.79 2.80
CA ARG B 393 -4.77 29.17 2.33
C ARG B 393 -3.26 29.46 2.20
N ASP B 394 -2.46 28.45 2.48
CA ASP B 394 -1.00 28.58 2.63
C ASP B 394 -0.65 29.78 3.50
N LEU B 395 -1.37 29.96 4.61
CA LEU B 395 -1.02 30.95 5.60
C LEU B 395 0.27 30.52 6.29
N ASP B 396 1.16 31.48 6.52
CA ASP B 396 2.36 31.21 7.32
C ASP B 396 1.97 31.40 8.78
N ILE B 397 1.81 30.29 9.49
CA ILE B 397 1.32 30.34 10.86
C ILE B 397 2.37 30.98 11.79
N HIS B 398 3.64 30.89 11.41
CA HIS B 398 4.68 31.52 12.24
C HIS B 398 4.60 33.03 12.17
N THR B 399 4.36 33.60 10.98
CA THR B 399 4.15 35.04 10.88
C THR B 399 2.86 35.48 11.56
N LYS B 400 1.81 34.67 11.42
CA LYS B 400 0.54 35.02 12.01
C LYS B 400 0.71 35.09 13.53
N THR B 401 1.40 34.10 14.10
CA THR B 401 1.62 34.09 15.54
C THR B 401 2.53 35.23 15.98
N ALA B 402 3.57 35.50 15.18
CA ALA B 402 4.46 36.62 15.49
C ALA B 402 3.70 37.95 15.52
N MET B 403 2.86 38.21 14.53
CA MET B 403 2.04 39.44 14.54
C MET B 403 1.31 39.59 15.88
N ASP B 404 0.73 38.49 16.34
CA ASP B 404 -0.08 38.49 17.56
C ASP B 404 0.79 38.68 18.80
N ILE B 405 1.89 37.95 18.86
CA ILE B 405 2.83 37.98 19.99
C ILE B 405 3.48 39.34 20.18
N PHE B 406 4.00 39.88 19.08
CA PHE B 406 4.69 41.16 19.10
C PHE B 406 3.77 42.31 18.72
N GLN B 407 2.48 42.03 18.59
CA GLN B 407 1.49 43.05 18.23
C GLN B 407 2.05 43.99 17.18
N VAL B 408 2.46 43.40 16.07
CA VAL B 408 2.91 44.12 14.89
C VAL B 408 2.08 43.70 13.69
N SER B 409 2.05 44.56 12.68
CA SER B 409 1.44 44.24 11.38
C SER B 409 2.33 43.22 10.68
N GLU B 410 1.80 42.56 9.66
CA GLU B 410 2.54 41.51 8.97
C GLU B 410 3.88 42.00 8.39
N ASP B 411 3.88 43.19 7.80
CA ASP B 411 5.09 43.69 7.15
C ASP B 411 6.14 44.08 8.20
N GLU B 412 5.67 44.30 9.43
CA GLU B 412 6.57 44.59 10.53
C GLU B 412 7.18 43.35 11.21
N VAL B 413 6.80 42.15 10.77
CA VAL B 413 7.35 40.92 11.38
C VAL B 413 8.78 40.63 10.94
N THR B 414 9.71 40.79 11.86
CA THR B 414 11.12 40.63 11.54
C THR B 414 11.48 39.15 11.48
N PRO B 415 12.58 38.82 10.78
CA PRO B 415 12.94 37.41 10.74
C PRO B 415 13.12 36.84 12.14
N ASN B 416 13.52 37.67 13.10
CA ASN B 416 13.77 37.20 14.44
C ASN B 416 12.47 36.99 15.22
N MET B 417 11.47 37.83 14.93
CA MET B 417 10.14 37.65 15.50
C MET B 417 9.52 36.34 14.98
N ARG B 418 9.77 36.02 13.71
CA ARG B 418 9.18 34.82 13.09
C ARG B 418 9.84 33.56 13.63
N ARG B 419 11.14 33.65 13.88
CA ARG B 419 11.86 32.51 14.44
C ARG B 419 11.39 32.21 15.87
N GLN B 420 11.19 33.26 16.67
CA GLN B 420 10.70 33.08 18.04
C GLN B 420 9.30 32.51 18.02
N ALA B 421 8.51 32.96 17.04
CA ALA B 421 7.15 32.46 16.87
C ALA B 421 7.11 30.97 16.57
N LYS B 422 8.12 30.41 15.90
CA LYS B 422 8.14 28.98 15.64
C LYS B 422 8.15 28.26 16.97
N ALA B 423 8.94 28.79 17.90
CA ALA B 423 9.13 28.14 19.18
C ALA B 423 7.81 28.15 19.95
N VAL B 424 7.07 29.23 19.81
CA VAL B 424 5.74 29.39 20.43
C VAL B 424 4.74 28.40 19.79
N ASN B 425 4.65 28.36 18.47
CA ASN B 425 3.70 27.42 17.85
C ASN B 425 4.00 25.98 18.20
N TYR B 426 5.24 25.53 18.02
CA TYR B 426 5.52 24.14 18.30
C TYR B 426 5.43 23.90 19.81
N GLY B 427 5.84 24.87 20.61
CA GLY B 427 5.69 24.68 22.03
C GLY B 427 4.27 24.44 22.47
N ILE B 428 3.35 25.28 22.00
CA ILE B 428 2.00 25.22 22.50
C ILE B 428 1.35 23.93 22.07
N VAL B 429 1.56 23.52 20.83
CA VAL B 429 0.84 22.32 20.39
C VAL B 429 1.35 21.08 21.11
N TYR B 430 2.61 21.07 21.54
CA TYR B 430 3.18 19.93 22.23
C TYR B 430 3.24 20.05 23.76
N GLY B 431 2.42 20.94 24.30
CA GLY B 431 2.17 20.93 25.73
C GLY B 431 2.96 21.87 26.61
N ILE B 432 3.55 22.92 26.04
CA ILE B 432 4.25 23.93 26.88
C ILE B 432 3.27 24.48 27.92
N SER B 433 3.78 24.81 29.11
CA SER B 433 2.96 25.38 30.18
C SER B 433 3.05 26.90 30.17
N ASP B 434 2.19 27.53 30.94
CA ASP B 434 2.21 28.99 31.04
C ASP B 434 3.57 29.46 31.52
N TYR B 435 4.15 28.73 32.47
CA TYR B 435 5.46 29.06 32.99
C TYR B 435 6.51 29.02 31.88
N GLY B 436 6.51 27.95 31.09
CA GLY B 436 7.48 27.78 30.04
C GLY B 436 7.36 28.85 28.99
N LEU B 437 6.14 29.17 28.60
CA LEU B 437 5.94 30.15 27.55
C LEU B 437 6.36 31.54 28.03
N ALA B 438 6.03 31.85 29.28
CA ALA B 438 6.38 33.14 29.90
C ALA B 438 7.89 33.33 29.99
N GLN B 439 8.59 32.28 30.37
CA GLN B 439 10.05 32.29 30.44
C GLN B 439 10.68 32.48 29.05
N ASN B 440 10.12 31.81 28.05
CA ASN B 440 10.66 31.90 26.69
CA ASN B 440 10.62 31.90 26.67
C ASN B 440 10.47 33.30 26.11
N LEU B 441 9.31 33.91 26.34
CA LEU B 441 9.01 35.20 25.77
C LEU B 441 9.24 36.35 26.75
N ASN B 442 9.81 36.04 27.91
CA ASN B 442 10.01 37.07 28.93
C ASN B 442 8.80 37.97 29.05
N ILE B 443 7.63 37.35 29.14
CA ILE B 443 6.39 38.06 29.36
C ILE B 443 5.81 37.55 30.65
N SER B 444 4.74 38.19 31.12
CA SER B 444 4.12 37.79 32.36
C SER B 444 3.49 36.41 32.18
N ARG B 445 3.45 35.65 33.27
CA ARG B 445 2.90 34.31 33.27
C ARG B 445 1.39 34.33 33.03
N LYS B 446 0.72 35.31 33.62
CA LYS B 446 -0.70 35.49 33.41
C LYS B 446 -0.98 35.72 31.92
N GLU B 447 -0.15 36.54 31.29
CA GLU B 447 -0.33 36.83 29.87
C GLU B 447 -0.07 35.58 29.04
N ALA B 448 0.91 34.79 29.45
CA ALA B 448 1.22 33.55 28.73
C ALA B 448 0.06 32.56 28.81
N ALA B 449 -0.54 32.41 29.98
CA ALA B 449 -1.64 31.48 30.14
C ALA B 449 -2.84 31.90 29.28
N GLU B 450 -3.10 33.19 29.17
CA GLU B 450 -4.21 33.68 28.38
C GLU B 450 -3.93 33.45 26.91
N PHE B 451 -2.67 33.57 26.51
CA PHE B 451 -2.34 33.30 25.12
C PHE B 451 -2.60 31.84 24.76
N ILE B 452 -2.25 30.94 25.67
CA ILE B 452 -2.40 29.51 25.39
C ILE B 452 -3.90 29.20 25.29
N GLU B 453 -4.67 29.85 26.14
CA GLU B 453 -6.13 29.68 26.12
C GLU B 453 -6.69 30.14 24.81
N ARG B 454 -6.31 31.35 24.41
CA ARG B 454 -6.74 31.90 23.12
C ARG B 454 -6.33 30.98 21.97
N TYR B 455 -5.15 30.39 22.05
CA TYR B 455 -4.65 29.57 20.98
C TYR B 455 -5.57 28.37 20.79
N PHE B 456 -5.97 27.73 21.86
CA PHE B 456 -6.83 26.55 21.73
C PHE B 456 -8.29 26.92 21.50
N GLU B 457 -8.65 28.18 21.72
CA GLU B 457 -9.96 28.65 21.25
C GLU B 457 -9.97 28.74 19.73
N SER B 458 -8.84 29.12 19.13
CA SER B 458 -8.72 29.12 17.68
C SER B 458 -8.66 27.73 17.10
N PHE B 459 -8.02 26.80 17.82
CA PHE B 459 -7.77 25.45 17.30
C PHE B 459 -8.31 24.40 18.29
N PRO B 460 -9.63 24.38 18.47
CA PRO B 460 -10.23 23.45 19.43
C PRO B 460 -10.07 22.00 19.00
N GLY B 461 -9.88 21.73 17.73
CA GLY B 461 -9.71 20.36 17.25
C GLY B 461 -8.36 19.83 17.67
N VAL B 462 -7.37 20.71 17.70
CA VAL B 462 -6.05 20.32 18.20
C VAL B 462 -6.14 19.98 19.70
N LYS B 463 -6.85 20.79 20.48
CA LYS B 463 -6.97 20.48 21.91
C LYS B 463 -7.66 19.13 22.11
N ARG B 464 -8.71 18.90 21.33
CA ARG B 464 -9.47 17.63 21.41
C ARG B 464 -8.60 16.47 21.06
N TYR B 465 -7.86 16.60 19.97
CA TYR B 465 -6.95 15.58 19.52
C TYR B 465 -5.92 15.24 20.61
N MET B 466 -5.38 16.27 21.27
CA MET B 466 -4.34 16.07 22.27
C MET B 466 -4.93 15.39 23.50
N GLU B 467 -6.18 15.68 23.85
CA GLU B 467 -6.83 14.97 24.93
C GLU B 467 -7.07 13.52 24.55
N ASN B 468 -7.61 13.31 23.35
CA ASN B 468 -7.98 11.99 22.87
C ASN B 468 -6.76 11.08 22.69
N ILE B 469 -5.62 11.58 22.22
CA ILE B 469 -4.48 10.71 21.93
C ILE B 469 -3.88 10.20 23.25
N VAL B 470 -3.94 11.01 24.30
CA VAL B 470 -3.49 10.59 25.59
C VAL B 470 -4.38 9.44 26.11
N GLN B 471 -5.69 9.56 25.94
CA GLN B 471 -6.60 8.49 26.36
C GLN B 471 -6.37 7.22 25.53
N GLU B 472 -6.11 7.38 24.25
CA GLU B 472 -5.84 6.25 23.38
C GLU B 472 -4.59 5.50 23.81
N ALA B 473 -3.54 6.25 24.13
CA ALA B 473 -2.28 5.68 24.55
C ALA B 473 -2.49 4.87 25.85
N LYS B 474 -3.34 5.39 26.73
CA LYS B 474 -3.65 4.70 27.99
C LYS B 474 -4.36 3.39 27.66
N GLN B 475 -5.33 3.42 26.76
CA GLN B 475 -6.14 2.23 26.44
C GLN B 475 -5.36 1.13 25.69
N LYS B 476 -4.60 1.53 24.68
CA LYS B 476 -3.88 0.59 23.81
C LYS B 476 -2.53 0.23 24.38
N GLY B 477 -1.92 1.17 25.11
CA GLY B 477 -0.53 1.02 25.56
C GLY B 477 0.55 1.62 24.68
N TYR B 478 0.16 2.19 23.57
CA TYR B 478 1.10 2.74 22.59
C TYR B 478 0.41 3.76 21.73
N VAL B 479 1.20 4.47 20.96
CA VAL B 479 0.71 5.37 19.93
C VAL B 479 1.35 5.01 18.60
N THR B 480 0.74 5.49 17.53
CA THR B 480 1.19 5.15 16.17
C THR B 480 1.25 6.32 15.25
N THR B 481 1.97 6.17 14.14
CA THR B 481 2.07 7.20 13.14
C THR B 481 1.21 6.84 11.92
N LEU B 482 1.17 7.74 10.96
CA LEU B 482 0.36 7.54 9.74
C LEU B 482 0.68 6.27 9.02
N LEU B 483 1.97 5.91 8.94
CA LEU B 483 2.37 4.65 8.27
C LEU B 483 2.63 3.51 9.25
N HIS B 484 2.09 3.61 10.47
CA HIS B 484 1.98 2.50 11.41
C HIS B 484 3.22 2.24 12.25
N ARG B 485 4.08 3.21 12.34
CA ARG B 485 5.16 3.12 13.31
C ARG B 485 4.56 3.15 14.71
N ARG B 486 5.16 2.49 15.70
CA ARG B 486 4.60 2.54 17.03
C ARG B 486 5.62 2.88 18.11
N ARG B 487 5.12 3.44 19.20
CA ARG B 487 5.91 3.66 20.40
C ARG B 487 5.09 3.32 21.59
N TYR B 488 5.56 2.37 22.40
CA TYR B 488 4.89 2.02 23.65
C TYR B 488 5.12 3.08 24.71
N LEU B 489 4.11 3.35 25.52
CA LEU B 489 4.19 4.37 26.56
C LEU B 489 3.67 3.84 27.88
N PRO B 490 4.32 2.83 28.43
CA PRO B 490 3.90 2.31 29.74
C PRO B 490 3.85 3.36 30.87
N ASP B 491 4.66 4.41 30.81
CA ASP B 491 4.62 5.44 31.85
C ASP B 491 3.35 6.30 31.85
N ILE B 492 2.54 6.25 30.80
CA ILE B 492 1.39 7.14 30.74
C ILE B 492 0.34 6.83 31.83
N THR B 493 0.48 5.67 32.46
CA THR B 493 -0.37 5.31 33.60
C THR B 493 0.41 5.34 34.92
N SER B 494 1.62 5.87 34.89
CA SER B 494 2.40 5.96 36.12
C SER B 494 1.63 6.75 37.16
N ARG B 495 1.80 6.36 38.42
CA ARG B 495 1.13 7.05 39.51
C ARG B 495 1.90 8.32 39.84
N ASN B 496 3.16 8.37 39.38
CA ASN B 496 3.99 9.54 39.59
C ASN B 496 3.65 10.63 38.59
N PHE B 497 3.36 11.82 39.11
CA PHE B 497 2.89 12.92 38.27
C PHE B 497 3.88 13.32 37.18
N ASN B 498 5.14 13.54 37.56
CA ASN B 498 6.15 13.97 36.60
C ASN B 498 6.38 12.93 35.50
N VAL B 499 6.53 11.67 35.90
CA VAL B 499 6.73 10.59 34.94
C VAL B 499 5.53 10.47 34.00
N ARG B 500 4.33 10.49 34.56
CA ARG B 500 3.13 10.43 33.75
C ARG B 500 3.04 11.62 32.82
N SER B 501 3.36 12.80 33.33
CA SER B 501 3.30 14.01 32.48
C SER B 501 4.24 13.95 31.29
N PHE B 502 5.43 13.44 31.48
CA PHE B 502 6.37 13.28 30.36
C PHE B 502 5.80 12.33 29.31
N ALA B 503 5.20 11.24 29.77
CA ALA B 503 4.64 10.27 28.83
C ALA B 503 3.47 10.86 28.05
N GLU B 504 2.63 11.65 28.74
CA GLU B 504 1.49 12.28 28.06
C GLU B 504 2.00 13.19 26.93
N ARG B 505 3.07 13.92 27.18
CA ARG B 505 3.62 14.77 26.13
C ARG B 505 4.31 13.99 25.00
N MET B 506 4.86 12.81 25.29
CA MET B 506 5.27 11.92 24.21
C MET B 506 4.07 11.48 23.37
N ALA B 507 2.96 11.17 24.03
CA ALA B 507 1.79 10.76 23.27
C ALA B 507 1.34 11.91 22.32
N MET B 508 1.50 13.15 22.77
CA MET B 508 1.18 14.35 21.94
C MET B 508 2.12 14.58 20.77
N ASN B 509 3.41 14.37 20.99
CA ASN B 509 4.41 14.72 19.99
C ASN B 509 4.81 13.55 19.06
N THR B 510 4.93 12.34 19.62
CA THR B 510 5.48 11.24 18.82
C THR B 510 4.71 10.91 17.51
N PRO B 511 3.36 10.88 17.53
CA PRO B 511 2.62 10.58 16.29
C PRO B 511 2.87 11.64 15.23
N ILE B 512 3.17 12.87 15.65
CA ILE B 512 3.34 13.95 14.68
C ILE B 512 4.77 13.96 14.13
N GLN B 513 5.75 13.98 15.02
CA GLN B 513 7.14 13.90 14.62
C GLN B 513 7.38 12.66 13.80
N GLY B 514 6.81 11.56 14.26
CA GLY B 514 6.99 10.28 13.60
C GLY B 514 6.34 10.21 12.24
N SER B 515 5.14 10.78 12.08
CA SER B 515 4.47 10.79 10.80
C SER B 515 5.25 11.64 9.80
N ALA B 516 5.81 12.77 10.25
CA ALA B 516 6.67 13.57 9.39
C ALA B 516 7.91 12.79 8.94
N ALA B 517 8.44 11.96 9.83
CA ALA B 517 9.56 11.07 9.47
C ALA B 517 9.13 10.06 8.41
N ASP B 518 7.97 9.44 8.61
CA ASP B 518 7.44 8.50 7.62
C ASP B 518 7.39 9.14 6.23
N ILE B 519 6.85 10.35 6.18
CA ILE B 519 6.58 11.02 4.92
C ILE B 519 7.89 11.31 4.17
N ILE B 520 8.86 11.89 4.84
CA ILE B 520 10.12 12.17 4.13
C ILE B 520 10.84 10.92 3.73
N LYS B 521 10.76 9.88 4.54
CA LYS B 521 11.33 8.58 4.13
C LYS B 521 10.73 8.08 2.82
N LYS B 522 9.37 8.13 2.71
CA LYS B 522 8.70 7.70 1.48
C LYS B 522 9.11 8.60 0.32
N ALA B 523 9.22 9.89 0.58
CA ALA B 523 9.68 10.84 -0.42
C ALA B 523 11.06 10.49 -0.99
N MET B 524 11.96 10.07 -0.11
CA MET B 524 13.28 9.64 -0.56
C MET B 524 13.23 8.48 -1.52
N ILE B 525 12.45 7.46 -1.21
CA ILE B 525 12.27 6.33 -2.10
C ILE B 525 11.65 6.75 -3.43
N ASP B 526 10.58 7.54 -3.35
CA ASP B 526 9.92 8.02 -4.55
C ASP B 526 10.89 8.87 -5.42
N LEU B 527 11.70 9.68 -4.76
CA LEU B 527 12.64 10.54 -5.48
C LEU B 527 13.68 9.72 -6.23
N ASN B 528 14.30 8.77 -5.55
CA ASN B 528 15.27 7.92 -6.23
C ASN B 528 14.66 7.18 -7.43
N ALA B 529 13.41 6.75 -7.31
CA ALA B 529 12.77 6.09 -8.42
C ALA B 529 12.61 7.02 -9.60
N ARG B 530 12.21 8.26 -9.33
CA ARG B 530 12.02 9.22 -10.40
C ARG B 530 13.35 9.64 -11.01
N LEU B 531 14.37 9.85 -10.20
CA LEU B 531 15.72 10.20 -10.75
C LEU B 531 16.20 9.12 -11.67
N LYS B 532 15.98 7.87 -11.30
CA LYS B 532 16.37 6.75 -12.15
C LYS B 532 15.58 6.69 -13.46
N GLU B 533 14.26 6.87 -13.36
CA GLU B 533 13.38 6.84 -14.54
C GLU B 533 13.78 7.91 -15.55
N GLU B 534 14.18 9.07 -15.03
CA GLU B 534 14.55 10.20 -15.87
C GLU B 534 16.01 10.19 -16.27
N ARG B 535 16.76 9.19 -15.79
CA ARG B 535 18.16 9.00 -16.15
C ARG B 535 19.00 10.22 -15.79
N LEU B 536 18.70 10.78 -14.64
CA LEU B 536 19.47 11.88 -14.11
C LEU B 536 20.64 11.40 -13.26
N GLN B 537 21.70 12.19 -13.27
CA GLN B 537 22.92 11.92 -12.48
C GLN B 537 22.78 12.44 -11.03
N ALA B 538 21.81 13.35 -10.80
CA ALA B 538 21.52 13.87 -9.49
C ALA B 538 21.41 12.75 -8.47
N HIS B 539 21.96 12.98 -7.31
CA HIS B 539 21.78 12.04 -6.21
C HIS B 539 21.67 12.69 -4.85
N LEU B 540 20.98 12.02 -3.95
CA LEU B 540 20.91 12.44 -2.55
C LEU B 540 22.27 12.43 -1.87
N LEU B 541 22.49 13.43 -1.03
CA LEU B 541 23.62 13.48 -0.12
C LEU B 541 23.23 13.39 1.33
N LEU B 542 22.21 14.14 1.75
CA LEU B 542 21.80 14.19 3.15
C LEU B 542 20.33 14.29 3.31
N GLN B 543 19.86 13.84 4.47
CA GLN B 543 18.51 14.13 4.95
C GLN B 543 18.66 14.84 6.28
N VAL B 544 17.90 15.90 6.48
CA VAL B 544 17.94 16.66 7.74
C VAL B 544 16.49 16.81 8.28
N HIS B 545 15.87 15.65 8.54
CA HIS B 545 14.56 15.51 9.19
C HIS B 545 13.34 15.93 8.34
N ASP B 546 13.36 17.13 7.80
CA ASP B 546 12.33 17.59 6.89
C ASP B 546 12.91 18.22 5.62
N GLU B 547 14.17 17.92 5.34
CA GLU B 547 14.86 18.49 4.21
CA GLU B 547 14.95 18.54 4.25
C GLU B 547 15.73 17.44 3.55
N LEU B 548 15.87 17.59 2.25
CA LEU B 548 16.73 16.73 1.43
C LEU B 548 17.76 17.58 0.74
N ILE B 549 19.00 17.11 0.75
CA ILE B 549 20.11 17.80 0.09
C ILE B 549 20.68 16.87 -0.97
N LEU B 550 20.74 17.36 -2.20
CA LEU B 550 21.25 16.62 -3.36
C LEU B 550 22.42 17.37 -3.97
N GLU B 551 23.15 16.70 -4.88
CA GLU B 551 24.03 17.41 -5.80
C GLU B 551 23.76 16.89 -7.21
N ALA B 552 24.01 17.70 -8.22
CA ALA B 552 23.80 17.27 -9.58
C ALA B 552 24.54 18.17 -10.55
N PRO B 553 24.74 17.71 -11.78
CA PRO B 553 25.28 18.56 -12.84
C PRO B 553 24.47 19.88 -12.94
N LYS B 554 25.13 21.00 -13.18
CA LYS B 554 24.43 22.27 -13.33
C LYS B 554 23.31 22.14 -14.40
N GLU B 555 23.52 21.32 -15.43
CA GLU B 555 22.56 21.15 -16.52
C GLU B 555 21.26 20.44 -16.09
N GLU B 556 21.22 19.85 -14.90
CA GLU B 556 20.02 19.16 -14.42
C GLU B 556 19.19 20.04 -13.48
N MET B 557 19.71 21.20 -13.10
CA MET B 557 19.03 22.01 -12.09
C MET B 557 17.62 22.43 -12.49
N GLU B 558 17.41 22.86 -13.73
CA GLU B 558 16.07 23.32 -14.06
C GLU B 558 15.07 22.17 -13.94
N ARG B 559 15.44 21.00 -14.42
CA ARG B 559 14.56 19.86 -14.27
C ARG B 559 14.35 19.48 -12.78
N LEU B 560 15.35 19.58 -11.93
CA LEU B 560 15.17 19.24 -10.50
C LEU B 560 14.26 20.25 -9.77
N CYS B 561 14.25 21.51 -10.23
CA CYS B 561 13.38 22.53 -9.65
C CYS B 561 11.92 22.11 -9.76
N ARG B 562 11.56 21.40 -10.82
CA ARG B 562 10.20 20.90 -10.97
C ARG B 562 10.02 19.53 -10.30
N LEU B 563 10.99 18.66 -10.50
CA LEU B 563 10.89 17.26 -10.08
CA LEU B 563 10.86 17.27 -10.08
C LEU B 563 10.91 17.05 -8.56
N VAL B 564 11.89 17.64 -7.89
CA VAL B 564 12.10 17.34 -6.48
C VAL B 564 10.91 17.81 -5.62
N PRO B 565 10.47 19.05 -5.78
CA PRO B 565 9.34 19.45 -4.93
C PRO B 565 8.07 18.68 -5.22
N GLU B 566 7.82 18.39 -6.49
CA GLU B 566 6.65 17.61 -6.85
C GLU B 566 6.65 16.25 -6.15
N VAL B 567 7.78 15.55 -6.24
CA VAL B 567 7.88 14.24 -5.60
C VAL B 567 7.69 14.31 -4.09
N MET B 568 8.32 15.29 -3.46
CA MET B 568 8.18 15.44 -2.03
C MET B 568 6.74 15.79 -1.64
N GLU B 569 6.14 16.70 -2.35
CA GLU B 569 4.76 17.13 -2.05
C GLU B 569 3.72 16.04 -2.24
N GLN B 570 3.98 15.13 -3.17
CA GLN B 570 3.08 14.05 -3.52
C GLN B 570 3.33 12.73 -2.78
N ALA B 571 4.29 12.71 -1.87
CA ALA B 571 4.64 11.46 -1.19
C ALA B 571 3.48 10.84 -0.46
N VAL B 572 2.63 11.68 0.14
CA VAL B 572 1.38 11.24 0.72
C VAL B 572 0.30 12.27 0.33
N THR B 573 -0.98 11.90 0.45
CA THR B 573 -2.04 12.80 0.22
C THR B 573 -2.82 13.01 1.53
N LEU B 574 -2.69 14.22 2.06
CA LEU B 574 -3.36 14.63 3.27
C LEU B 574 -4.57 15.53 2.98
N ARG B 575 -5.21 15.95 4.06
CA ARG B 575 -6.38 16.79 4.02
C ARG B 575 -5.96 18.26 3.80
N VAL B 576 -4.66 18.52 3.85
CA VAL B 576 -4.09 19.84 3.49
C VAL B 576 -2.96 19.57 2.52
N PRO B 577 -2.57 20.57 1.74
CA PRO B 577 -1.39 20.38 0.86
C PRO B 577 -0.11 20.26 1.66
N LEU B 578 0.89 19.57 1.09
CA LEU B 578 2.26 19.73 1.56
C LEU B 578 2.93 20.75 0.64
N LYS B 579 3.82 21.54 1.25
CA LYS B 579 4.53 22.61 0.57
C LYS B 579 6.03 22.41 0.74
N VAL B 580 6.78 22.54 -0.39
CA VAL B 580 8.21 22.34 -0.37
C VAL B 580 8.91 23.55 -0.95
N ASP B 581 9.85 24.11 -0.19
CA ASP B 581 10.66 25.19 -0.68
C ASP B 581 11.99 24.63 -1.18
N TYR B 582 12.66 25.33 -2.07
CA TYR B 582 13.90 24.79 -2.64
C TYR B 582 14.82 25.89 -3.15
N HIS B 583 16.12 25.59 -3.16
CA HIS B 583 17.11 26.53 -3.63
C HIS B 583 18.34 25.71 -4.06
N TYR B 584 19.14 26.28 -4.97
CA TYR B 584 20.39 25.63 -5.34
C TYR B 584 21.53 26.61 -5.50
N GLY B 585 22.75 26.10 -5.43
CA GLY B 585 23.92 26.95 -5.55
C GLY B 585 25.23 26.21 -5.54
N SER B 586 26.33 26.98 -5.57
CA SER B 586 27.64 26.37 -5.69
CA SER B 586 27.67 26.44 -5.67
C SER B 586 28.23 25.82 -4.41
N THR B 587 27.58 26.11 -3.27
CA THR B 587 27.93 25.48 -1.98
C THR B 587 26.65 25.30 -1.21
N TRP B 588 26.68 24.55 -0.12
CA TRP B 588 25.49 24.36 0.68
C TRP B 588 25.01 25.72 1.21
N TYR B 589 25.93 26.61 1.57
CA TYR B 589 25.57 27.97 2.00
C TYR B 589 24.72 28.68 0.96
N ASP B 590 25.05 28.51 -0.31
CA ASP B 590 24.37 29.24 -1.38
C ASP B 590 23.05 28.61 -1.76
N ALA B 591 22.83 27.39 -1.36
CA ALA B 591 21.56 26.75 -1.65
C ALA B 591 20.49 27.30 -0.68
N LYS B 592 20.27 28.62 -0.80
CA LYS B 592 19.37 29.41 0.04
C LYS B 592 18.55 30.43 -0.77
P 2DT C 9 -31.77 -12.64 -9.51
OP1 2DT C 9 -32.19 -14.07 -9.45
OP2 2DT C 9 -32.70 -11.61 -9.02
O5' 2DT C 9 -30.38 -12.43 -8.78
N1 2DT C 9 -27.87 -9.47 -7.54
C6 2DT C 9 -29.21 -9.37 -7.91
C2 2DT C 9 -27.19 -8.38 -7.04
O2 2DT C 9 -26.03 -8.41 -6.68
N3 2DT C 9 -27.92 -7.23 -6.96
C4 2DT C 9 -29.24 -7.07 -7.29
O4 2DT C 9 -29.80 -5.99 -7.18
C5 2DT C 9 -29.91 -8.24 -7.82
C5M 2DT C 9 -31.34 -8.10 -8.22
C2' 2DT C 9 -27.15 -11.62 -6.41
C5' 2DT C 9 -29.26 -13.31 -8.97
C4' 2DT C 9 -28.04 -12.83 -8.21
O4' 2DT C 9 -27.70 -11.50 -8.69
C1' 2DT C 9 -27.12 -10.75 -7.65
C3' 2DT C 9 -28.21 -12.68 -6.70
H6 2DT C 9 -29.65 -10.17 -8.26
HN3 2DT C 9 -27.46 -6.46 -6.59
H71 2DT C 9 -31.90 -8.73 -7.69
H72 2DT C 9 -31.64 -7.19 -8.05
H73 2DT C 9 -31.44 -8.31 -9.17
H2' 2DT C 9 -27.41 -11.09 -5.63
H2'' 2DT C 9 -26.28 -12.05 -6.26
H5' 2DT C 9 -29.04 -13.36 -9.93
H5'' 2DT C 9 -29.50 -14.21 -8.65
H4' 2DT C 9 -27.30 -13.44 -8.39
H1' 2DT C 9 -26.19 -10.55 -7.88
P 2DT E 9 17.55 23.71 11.12
OP1 2DT E 9 17.62 23.97 9.66
OP2 2DT E 9 17.08 24.78 12.05
O5' 2DT E 9 16.61 22.45 11.41
N1 2DT E 9 14.91 20.42 14.43
C6 2DT E 9 15.44 21.70 14.41
C2 2DT E 9 14.24 19.93 15.50
O2 2DT E 9 13.73 18.81 15.51
N3 2DT E 9 14.17 20.74 16.58
C4 2DT E 9 14.66 22.02 16.64
O4 2DT E 9 14.51 22.70 17.64
C5 2DT E 9 15.34 22.50 15.47
C5M 2DT E 9 15.94 23.88 15.40
C2' 2DT E 9 13.83 19.63 12.30
C5' 2DT E 9 16.76 21.26 10.62
C4' 2DT E 9 15.79 20.21 11.09
O4' 2DT E 9 16.13 19.82 12.47
C1' 2DT E 9 15.02 19.52 13.24
C3' 2DT E 9 14.33 20.63 11.27
H6 2DT E 9 15.90 22.02 13.61
HN3 2DT E 9 13.68 20.41 17.36
H71 2DT E 9 16.91 23.81 15.23
H72 2DT E 9 15.53 24.39 14.67
H73 2DT E 9 15.80 24.35 16.24
H2' 2DT E 9 13.04 19.97 12.78
H2'' 2DT E 9 13.62 18.77 11.89
H5' 2DT E 9 17.68 20.91 10.71
H5'' 2DT E 9 16.59 21.46 9.67
H4' 2DT E 9 15.84 19.42 10.51
H1' 2DT E 9 15.09 18.59 13.55
S SO4 G . -53.95 0.63 -21.34
O1 SO4 G . -53.49 -0.02 -20.13
O2 SO4 G . -53.41 2.00 -21.39
O3 SO4 G . -53.51 -0.12 -22.52
O4 SO4 G . -55.42 0.68 -21.33
S SO4 H . -12.98 20.25 -3.91
O1 SO4 H . -12.58 19.30 -2.84
O2 SO4 H . -12.96 21.64 -3.43
O3 SO4 H . -12.04 20.11 -5.04
O4 SO4 H . -14.36 19.96 -4.35
C1 MPD I . -30.62 -17.36 -35.22
C2 MPD I . -30.08 -18.65 -35.87
O2 MPD I . -30.84 -18.82 -37.11
CM MPD I . -28.61 -18.50 -36.25
C3 MPD I . -30.20 -19.77 -34.85
C4 MPD I . -30.74 -21.16 -35.18
O4 MPD I . -30.79 -21.52 -36.54
C5 MPD I . -29.91 -22.21 -34.43
H11 MPD I . -30.94 -17.60 -34.21
H12 MPD I . -29.83 -16.62 -35.20
H13 MPD I . -31.46 -16.99 -35.80
HO2 MPD I . -31.33 -19.67 -37.08
HM1 MPD I . -28.02 -19.22 -35.70
HM2 MPD I . -28.50 -18.66 -37.32
HM3 MPD I . -28.28 -17.49 -36.00
H31 MPD I . -30.82 -19.38 -34.03
H32 MPD I . -29.21 -19.91 -34.42
H4 MPD I . -31.75 -21.22 -34.78
HO4 MPD I . -31.49 -22.19 -36.68
H51 MPD I . -29.56 -22.98 -35.13
H52 MPD I . -29.06 -21.73 -33.95
H53 MPD I . -30.53 -22.68 -33.66
MN MN J . -29.48 -16.38 -2.16
PA D3T K . 12.06 25.48 10.37
O1A D3T K . 12.80 26.63 11.02
O2A D3T K . 12.73 24.87 9.11
O5' D3T K . 11.96 24.36 11.49
C5' D3T K . 11.69 23.04 11.06
C4' D3T K . 11.30 22.08 12.16
O4' D3T K . 12.11 22.15 13.37
C1' D3T K . 11.35 22.06 14.57
N1 D3T K . 11.52 23.23 15.44
C6 D3T K . 12.09 24.33 14.86
C2 D3T K . 11.09 23.26 16.70
O2 D3T K . 10.55 22.30 17.25
N3 D3T K . 11.23 24.35 17.47
C4 D3T K . 11.78 25.46 16.91
O4 D3T K . 11.90 26.58 17.69
C5 D3T K . 12.23 25.49 15.59
C5M D3T K . 12.87 26.67 15.00
C2' D3T K . 9.98 21.98 14.06
C3' D3T K . 10.01 22.53 12.71
O3A D3T K . 10.59 26.04 10.13
PB D3T K . 9.20 25.51 9.63
O1B D3T K . 8.25 25.26 10.76
O2B D3T K . 9.25 24.34 8.71
O3B D3T K . 8.61 26.88 8.89
PG D3T K . 8.98 27.77 7.59
O1G D3T K . 9.05 26.80 6.45
O2G D3T K . 7.85 28.74 7.49
O3G D3T K . 10.31 28.43 7.84
S SO4 L . 23.21 -29.14 14.76
O1 SO4 L . 24.09 -28.40 15.67
O2 SO4 L . 23.57 -28.96 13.36
O3 SO4 L . 23.37 -30.56 15.07
O4 SO4 L . 21.81 -28.79 14.86
S SO4 M . 31.31 -26.76 -6.21
O1 SO4 M . 32.11 -27.53 -5.27
O2 SO4 M . 31.87 -25.41 -6.38
O3 SO4 M . 31.29 -27.45 -7.51
O4 SO4 M . 29.94 -26.66 -5.72
MN MN N . 10.56 22.80 7.45
#